data_7N64
#
_entry.id   7N64
#
_cell.length_a   1.00
_cell.length_b   1.00
_cell.length_c   1.00
_cell.angle_alpha   90.00
_cell.angle_beta   90.00
_cell.angle_gamma   90.00
#
_symmetry.space_group_name_H-M   'P 1'
#
loop_
_entity.id
_entity.type
_entity.pdbx_description
1 polymer 'Spike glycoprotein'
2 polymer 'G32R7 Fab heavy chain'
3 polymer 'G32R7 Fab light chain'
4 branched 2-acetamido-2-deoxy-beta-D-glucopyranose-(1-4)-2-acetamido-2-deoxy-beta-D-glucopyranose
5 branched beta-D-mannopyranose-(1-4)-2-acetamido-2-deoxy-beta-D-glucopyranose-(1-4)-2-acetamido-2-deoxy-beta-D-glucopyranose
6 non-polymer 2-acetamido-2-deoxy-beta-D-glucopyranose
#
loop_
_entity_poly.entity_id
_entity_poly.type
_entity_poly.pdbx_seq_one_letter_code
_entity_poly.pdbx_strand_id
1 'polypeptide(L)'
;MFVFLVLLPLVSSQCVNLTTRTQLPPAYTNSFTRGVYYPDKVFRSSVLHSTQDLFLPFFSNVTWFHAIHVSGTNGTKRFD
NPVLPFNDGVYFASTEKSNIIRGWIFGTTLDSKTQSLLIVNNATNVVIKVCEFQFCNDPFLGVYYHKNNKSWMESEFRVY
SSANNCTFEYVSQPFLMDLEGKQGNFKNLREFVFKNIDGYFKIYSKHTPINLVRDLPQGFSALEPLVDLPIGINITRFQT
LLALHRSYLTPGDSSSGWTAGAAAYYVGYLQPRTFLLKYNENGTITDAVDCALDPLSETKCTLKSFTVEKGIYQTSNFRV
QPTESIVRFPNITNLCPFGEVFNATRFASVYAWNRKRISNCVADYSVLYNSASFSTFKCYGVSPTKLNDLCFTNVYADSF
VIRGDEVRQIAPGQTGKIADYNYKLPDDFTGCVIAWNSNNLDSKVGGNYNYLYRLFRKSNLKPFERDISTEIYQAGSTPC
NGVEGFNCYFPLQSYGFQPTNGVGYQPYRVVVLSFELLHAPATVCGPKKSTNLVKNKCVNFNFNGLTGTGVLTESNKKFL
PFQQFGRDIADTTDAVRDPQTLEILDITPCSFGGVSVITPGTNTSNQVAVLYQDVNCTEVPVAIHADQLTPTWRVYSTGS
NVFQTRAGCLIGAEHVNNSYECDIPIGAGICASYQTQTNSPRRARSVASQSIIAYTMSLGAENSVAYSNNSIAIPTNFTI
SVTTEILPVSMTKTSVDCTMYICGDSTECSNLLLQYGSFCTQLNRALTGIAVEQDKNTQEVFAQVKQIYKTPPIKDFGGF
NFSQILPDPSKPSKRSFIEDLLFNKVTLADAGFIKQYGDCLGDIAARDLICAQKFNGLTVLPPLLTDEMIAQYTSALLAG
TITSGWTFGAGAALQIPFAMQMAYRFNGIGVTQNVLYENQKLIANQFNSAIGKIQDSLSSTASALGKLQDVVNQNAQALN
TLVKQLSSNFGAISSVLNDILSRLDKVEAEVQIDRLITGRLQSLQTYVTQQLIRAAEIRASANLAATKMSECVLGQSKRV
DFCGKGYHLMSFPQSAPHGVVFLHVTYVPAQEKNFTTAPAICHDGKAHFPREGVFVSNGTHWFVTQRNFYEPQIITTDNT
FVSGNCDVVIGIVNNTVYDPLQPELDSFKEELDKYFKNHTSPDVDLGDISGINASVVNIQKEIDRLNEVAKNLNESLIDL
QELGKYEQYIKWPWYIWLGFIAGLIAIVMVTIMLCCMTSCCSCLKGCCSCGSCCKFDEDDSEPVLKGVKLHYT
;
A,B
2 'polypeptide(L)'
;EVQLVESGGGLVQPGRSLRLSCAASGFTFDDYAMHWVRQAPGKGLEWVSGISWNSGIGYADSVKGRFTISRDNAKNSLYL
QMNSLRAEDTALYYCAKGRPLDRGRSWYDEIQQGDDFDIWGQGTMVTVSSASTKGPSVFPLAPSSKSTSGGTAALGCLVK
DYFPEPVTVSWNSGALTSGVHTFPAVLQSSGLYSLSSVVTVPSSSLGTQTYICNVNHKPSNTKVDKRVEPKSCDK
;
H
3 'polypeptide(L)'
;DIQMTQSPVSLSASVGDRVTITCRASQSISSWLAWYQQKPGKAPKLLIYDASSLESGVPSRFSGSGSGTEFTLTISSLQP
DDFATYYCQQYNSYPGTFGQGTKVEIKRTVAAPSVFIFPPSDEQLKSGTASVVCLLNNFYPREAKVQWKVDNALQSGNSQ
ESVTEQDSKDSTYSLSSTLTLSKADYEKHKVYACEVTHQGLSSPVTKSFNRGEC
;
L
#
# COMPACT_ATOMS: atom_id res chain seq x y z
N GLN A 14 5.38 -13.27 -7.94
CA GLN A 14 5.04 -13.73 -6.60
C GLN A 14 4.35 -15.06 -6.71
N CYS A 15 5.05 -16.06 -7.25
CA CYS A 15 4.49 -17.40 -7.30
C CYS A 15 5.58 -18.39 -7.67
N VAL A 16 5.21 -19.66 -7.67
CA VAL A 16 6.13 -20.77 -7.81
C VAL A 16 5.98 -21.36 -9.20
N ASN A 17 7.12 -21.67 -9.82
CA ASN A 17 7.11 -22.48 -11.02
C ASN A 17 6.74 -23.89 -10.58
N LEU A 18 5.45 -24.11 -10.37
CA LEU A 18 4.99 -25.22 -9.55
C LEU A 18 5.44 -26.57 -10.10
N THR A 19 4.85 -27.02 -11.20
CA THR A 19 5.28 -28.28 -11.79
C THR A 19 6.30 -28.04 -12.90
N THR A 20 5.89 -27.35 -13.95
CA THR A 20 6.73 -27.02 -15.10
C THR A 20 7.34 -28.26 -15.76
N ARG A 21 7.01 -29.47 -15.31
CA ARG A 21 7.75 -30.65 -15.73
C ARG A 21 6.89 -31.76 -16.32
N THR A 22 5.58 -31.72 -16.18
CA THR A 22 4.73 -32.74 -16.78
C THR A 22 4.11 -32.21 -18.07
N GLN A 23 4.17 -33.03 -19.11
CA GLN A 23 3.61 -32.67 -20.41
C GLN A 23 3.00 -33.84 -21.14
N LEU A 24 2.88 -35.01 -20.51
CA LEU A 24 2.47 -36.20 -21.24
C LEU A 24 1.08 -35.99 -21.83
N PRO A 25 0.80 -36.55 -23.01
CA PRO A 25 -0.38 -36.14 -23.78
C PRO A 25 -1.67 -36.41 -23.00
N PRO A 26 -2.40 -35.36 -22.65
CA PRO A 26 -3.70 -35.57 -22.01
C PRO A 26 -4.61 -36.37 -22.93
N ALA A 27 -5.37 -37.28 -22.34
CA ALA A 27 -6.34 -38.03 -23.11
C ALA A 27 -7.55 -37.14 -23.36
N TYR A 28 -8.57 -37.70 -24.02
CA TYR A 28 -9.75 -36.96 -24.43
C TYR A 28 -10.97 -37.75 -24.01
N THR A 29 -12.15 -37.28 -24.39
CA THR A 29 -13.38 -38.00 -24.08
C THR A 29 -14.43 -37.59 -25.10
N ASN A 30 -15.48 -38.39 -25.19
CA ASN A 30 -16.65 -38.02 -25.96
C ASN A 30 -17.63 -37.34 -25.03
N SER A 31 -18.09 -36.14 -25.42
CA SER A 31 -19.14 -35.45 -24.66
C SER A 31 -20.47 -36.00 -25.11
N PHE A 32 -20.81 -37.19 -24.59
CA PHE A 32 -22.03 -37.89 -24.98
C PHE A 32 -23.22 -36.94 -25.04
N THR A 33 -23.52 -36.27 -23.93
CA THR A 33 -24.51 -35.20 -23.92
C THR A 33 -24.30 -34.33 -22.69
N ARG A 34 -23.86 -33.08 -22.90
CA ARG A 34 -23.62 -32.20 -21.73
C ARG A 34 -23.20 -30.81 -22.19
N GLY A 35 -23.82 -29.78 -21.61
CA GLY A 35 -23.52 -28.39 -21.89
C GLY A 35 -24.45 -27.65 -22.82
N VAL A 36 -25.75 -27.61 -22.51
CA VAL A 36 -26.73 -26.82 -23.24
C VAL A 36 -27.49 -25.96 -22.24
N TYR A 37 -27.93 -24.79 -22.68
CA TYR A 37 -28.49 -23.80 -21.78
C TYR A 37 -29.81 -23.28 -22.35
N TYR A 38 -30.38 -22.28 -21.68
CA TYR A 38 -31.63 -21.65 -22.08
C TYR A 38 -31.34 -20.25 -22.59
N PRO A 39 -31.58 -19.93 -23.85
CA PRO A 39 -31.36 -18.57 -24.36
C PRO A 39 -32.59 -17.65 -24.37
N ASP A 40 -33.26 -17.51 -23.22
CA ASP A 40 -34.33 -16.54 -23.08
C ASP A 40 -34.81 -16.49 -21.63
N LYS A 41 -35.82 -15.66 -21.39
CA LYS A 41 -36.64 -15.69 -20.19
C LYS A 41 -38.09 -15.37 -20.54
N VAL A 42 -38.59 -15.97 -21.61
CA VAL A 42 -40.02 -16.03 -21.89
C VAL A 42 -40.48 -17.44 -21.51
N PHE A 43 -41.51 -17.53 -20.69
CA PHE A 43 -41.88 -18.81 -20.11
C PHE A 43 -42.27 -19.80 -21.22
N ARG A 44 -41.79 -21.03 -21.10
CA ARG A 44 -41.98 -22.06 -22.10
C ARG A 44 -42.63 -23.30 -21.49
N SER A 45 -43.12 -24.16 -22.39
CA SER A 45 -43.94 -25.31 -22.03
C SER A 45 -43.44 -26.51 -22.83
N SER A 46 -44.25 -27.58 -22.82
CA SER A 46 -43.84 -28.85 -23.43
C SER A 46 -44.07 -28.86 -24.94
N VAL A 47 -43.44 -27.90 -25.62
CA VAL A 47 -43.51 -27.78 -27.07
C VAL A 47 -42.10 -27.49 -27.59
N LEU A 48 -41.77 -28.10 -28.73
CA LEU A 48 -40.48 -27.91 -29.38
C LEU A 48 -40.19 -26.43 -29.65
N HIS A 49 -38.91 -26.11 -29.79
CA HIS A 49 -38.57 -24.81 -30.33
C HIS A 49 -37.15 -24.83 -30.88
N SER A 50 -36.97 -24.22 -32.06
CA SER A 50 -35.66 -24.09 -32.66
C SER A 50 -34.90 -22.92 -32.07
N THR A 51 -33.58 -23.06 -32.02
CA THR A 51 -32.70 -22.09 -31.38
C THR A 51 -31.35 -22.13 -32.07
N GLN A 52 -30.80 -20.97 -32.42
CA GLN A 52 -29.46 -20.85 -32.98
C GLN A 52 -28.56 -20.10 -32.00
N ASP A 53 -27.38 -20.64 -31.74
CA ASP A 53 -26.33 -19.90 -31.03
C ASP A 53 -25.07 -20.77 -31.05
N LEU A 54 -24.06 -20.34 -30.32
CA LEU A 54 -22.84 -21.13 -30.19
C LEU A 54 -23.09 -22.28 -29.22
N PHE A 55 -22.98 -23.50 -29.73
CA PHE A 55 -23.11 -24.70 -28.90
C PHE A 55 -21.79 -25.44 -28.91
N LEU A 56 -21.46 -26.04 -27.77
CA LEU A 56 -20.47 -27.11 -27.77
C LEU A 56 -20.97 -28.21 -28.69
N PRO A 57 -20.15 -28.69 -29.62
CA PRO A 57 -20.65 -29.65 -30.61
C PRO A 57 -21.18 -30.91 -29.94
N PHE A 58 -22.26 -31.46 -30.50
CA PHE A 58 -22.74 -32.76 -30.05
C PHE A 58 -21.59 -33.77 -30.08
N PHE A 59 -21.45 -34.51 -28.98
CA PHE A 59 -20.46 -35.58 -28.88
C PHE A 59 -19.08 -35.08 -29.27
N SER A 60 -18.72 -33.92 -28.74
CA SER A 60 -17.43 -33.32 -29.06
C SER A 60 -16.31 -34.16 -28.47
N ASN A 61 -15.15 -34.06 -29.11
CA ASN A 61 -13.94 -34.64 -28.56
C ASN A 61 -13.47 -33.76 -27.40
N VAL A 62 -14.22 -33.80 -26.30
CA VAL A 62 -13.92 -32.93 -25.16
C VAL A 62 -12.56 -33.26 -24.60
N THR A 63 -11.76 -32.23 -24.38
CA THR A 63 -10.38 -32.40 -23.96
C THR A 63 -10.36 -32.52 -22.44
N TRP A 64 -10.07 -33.72 -21.95
CA TRP A 64 -10.03 -33.99 -20.52
C TRP A 64 -8.59 -33.92 -20.05
N PHE A 65 -8.31 -32.95 -19.18
CA PHE A 65 -6.98 -32.66 -18.71
C PHE A 65 -6.90 -33.10 -17.25
N HIS A 66 -5.70 -33.43 -16.80
CA HIS A 66 -5.53 -33.83 -15.42
C HIS A 66 -4.95 -32.70 -14.58
N ALA A 67 -5.67 -32.38 -13.50
CA ALA A 67 -5.09 -31.76 -12.33
C ALA A 67 -4.40 -32.90 -11.58
N ILE A 68 -4.09 -32.69 -10.31
CA ILE A 68 -3.35 -33.65 -9.53
C ILE A 68 -3.89 -35.05 -9.77
N HIS A 69 -3.01 -35.94 -10.24
CA HIS A 69 -3.38 -37.26 -10.77
C HIS A 69 -2.37 -38.24 -10.16
N VAL A 70 -2.75 -38.82 -9.02
CA VAL A 70 -1.79 -39.41 -8.09
C VAL A 70 -1.38 -40.82 -8.49
N SER A 71 -1.77 -41.24 -9.68
CA SER A 71 -1.40 -42.58 -10.13
C SER A 71 0.08 -42.64 -10.44
N GLY A 72 0.88 -43.04 -9.46
CA GLY A 72 2.31 -43.22 -9.64
C GLY A 72 2.96 -43.38 -8.29
N THR A 73 4.23 -43.80 -8.32
CA THR A 73 4.97 -43.84 -7.08
C THR A 73 5.05 -42.43 -6.53
N ASN A 74 4.94 -42.31 -5.20
CA ASN A 74 4.59 -41.03 -4.57
C ASN A 74 5.37 -39.90 -5.24
N GLY A 75 6.70 -39.95 -5.11
CA GLY A 75 7.61 -39.33 -6.05
C GLY A 75 7.14 -38.02 -6.61
N THR A 76 6.99 -38.00 -7.93
CA THR A 76 6.44 -36.84 -8.61
C THR A 76 4.97 -36.63 -8.25
N LYS A 77 4.66 -35.39 -7.89
CA LYS A 77 3.29 -34.96 -7.58
C LYS A 77 2.74 -34.34 -8.85
N ARG A 78 1.85 -35.07 -9.52
CA ARG A 78 1.49 -34.74 -10.88
C ARG A 78 0.49 -33.59 -10.93
N PHE A 79 0.71 -32.66 -11.87
CA PHE A 79 -0.24 -31.58 -12.11
C PHE A 79 0.11 -30.81 -13.39
N ASP A 80 -0.82 -30.75 -14.35
CA ASP A 80 -0.51 -30.23 -15.69
C ASP A 80 -1.59 -29.27 -16.19
N ASN A 81 -1.88 -28.22 -15.41
CA ASN A 81 -2.89 -27.25 -15.86
C ASN A 81 -2.46 -26.53 -17.13
N PRO A 82 -3.18 -26.69 -18.23
CA PRO A 82 -2.84 -25.98 -19.46
C PRO A 82 -3.59 -24.67 -19.62
N VAL A 83 -2.94 -23.73 -20.28
CA VAL A 83 -3.57 -22.46 -20.67
C VAL A 83 -4.25 -22.67 -22.02
N LEU A 84 -5.58 -22.66 -22.00
CA LEU A 84 -6.31 -22.98 -23.21
C LEU A 84 -6.84 -21.74 -23.88
N PRO A 85 -6.91 -21.73 -25.20
CA PRO A 85 -7.60 -20.63 -25.90
C PRO A 85 -9.07 -20.59 -25.55
N PHE A 86 -9.74 -19.57 -26.06
CA PHE A 86 -11.14 -19.29 -25.77
C PHE A 86 -11.86 -19.02 -27.08
N ASN A 87 -11.79 -19.99 -27.99
CA ASN A 87 -12.20 -19.83 -29.38
C ASN A 87 -13.46 -18.98 -29.55
N ASP A 88 -14.59 -19.48 -29.06
CA ASP A 88 -15.82 -18.70 -29.13
C ASP A 88 -16.65 -18.89 -27.87
N GLY A 89 -16.00 -19.09 -26.73
CA GLY A 89 -16.70 -19.53 -25.55
C GLY A 89 -16.31 -20.96 -25.25
N VAL A 90 -16.40 -21.39 -24.00
CA VAL A 90 -15.99 -22.73 -23.61
C VAL A 90 -16.98 -23.28 -22.61
N TYR A 91 -16.90 -24.59 -22.40
CA TYR A 91 -17.64 -25.28 -21.36
C TYR A 91 -16.63 -25.98 -20.46
N PHE A 92 -16.62 -25.63 -19.18
CA PHE A 92 -15.64 -26.12 -18.23
C PHE A 92 -16.28 -27.01 -17.17
N ALA A 93 -15.62 -28.13 -16.89
CA ALA A 93 -16.17 -29.11 -15.97
C ALA A 93 -15.03 -29.77 -15.20
N SER A 94 -15.40 -30.62 -14.25
CA SER A 94 -14.46 -31.45 -13.51
C SER A 94 -15.26 -32.49 -12.74
N THR A 95 -14.54 -33.43 -12.12
CA THR A 95 -15.18 -34.32 -11.16
C THR A 95 -14.98 -33.76 -9.74
N GLU A 96 -13.73 -33.75 -9.28
CA GLU A 96 -13.27 -32.89 -8.18
C GLU A 96 -14.12 -33.10 -6.91
N LYS A 97 -13.93 -34.27 -6.29
CA LYS A 97 -14.65 -34.59 -5.07
C LYS A 97 -14.48 -33.52 -3.99
N SER A 98 -13.30 -32.90 -3.93
CA SER A 98 -13.08 -31.80 -3.01
C SER A 98 -13.73 -30.55 -3.55
N ASN A 99 -13.35 -29.40 -3.06
CA ASN A 99 -13.91 -28.12 -3.46
C ASN A 99 -12.80 -27.16 -3.90
N ILE A 100 -11.93 -27.64 -4.79
CA ILE A 100 -10.71 -26.93 -5.10
C ILE A 100 -10.78 -26.13 -6.39
N ILE A 101 -11.73 -26.41 -7.28
CA ILE A 101 -11.72 -25.77 -8.59
C ILE A 101 -12.27 -24.37 -8.42
N ARG A 102 -11.38 -23.43 -8.06
CA ARG A 102 -11.84 -22.19 -7.46
C ARG A 102 -12.31 -21.20 -8.51
N GLY A 103 -11.67 -21.14 -9.67
CA GLY A 103 -12.11 -20.18 -10.66
C GLY A 103 -11.35 -20.25 -11.96
N TRP A 104 -11.41 -19.15 -12.71
CA TRP A 104 -10.80 -19.02 -14.03
C TRP A 104 -10.27 -17.61 -14.21
N ILE A 105 -9.35 -17.45 -15.17
CA ILE A 105 -8.73 -16.15 -15.40
C ILE A 105 -8.83 -15.66 -16.84
N PHE A 106 -9.97 -15.92 -17.49
CA PHE A 106 -10.21 -15.63 -18.91
C PHE A 106 -9.49 -14.38 -19.39
N GLY A 107 -8.82 -14.45 -20.54
CA GLY A 107 -8.19 -13.27 -21.08
C GLY A 107 -7.60 -13.50 -22.46
N THR A 108 -6.71 -12.59 -22.85
CA THR A 108 -5.89 -12.80 -24.03
C THR A 108 -4.40 -12.71 -23.72
N THR A 109 -3.95 -11.60 -23.14
CA THR A 109 -2.55 -11.44 -22.71
C THR A 109 -2.36 -11.83 -21.27
N LEU A 110 -3.41 -11.75 -20.48
CA LEU A 110 -3.47 -12.28 -19.13
C LEU A 110 -2.44 -11.67 -18.21
N ASP A 111 -1.93 -10.49 -18.55
CA ASP A 111 -1.37 -9.61 -17.53
C ASP A 111 -1.54 -8.17 -17.99
N SER A 112 -0.74 -7.28 -17.43
CA SER A 112 -0.98 -5.85 -17.54
C SER A 112 -0.97 -5.39 -18.99
N LYS A 113 -1.36 -4.12 -19.16
CA LYS A 113 -1.60 -3.49 -20.46
C LYS A 113 -2.45 -4.36 -21.38
N THR A 114 -3.29 -5.20 -20.78
CA THR A 114 -4.36 -5.86 -21.51
C THR A 114 -5.35 -6.43 -20.51
N GLN A 115 -6.63 -6.14 -20.71
CA GLN A 115 -7.64 -6.59 -19.78
C GLN A 115 -7.79 -8.11 -19.85
N SER A 116 -8.60 -8.63 -18.94
CA SER A 116 -8.90 -10.05 -18.79
C SER A 116 -9.91 -10.14 -17.65
N LEU A 117 -10.42 -11.35 -17.41
CA LEU A 117 -11.44 -11.53 -16.41
C LEU A 117 -11.01 -12.60 -15.41
N LEU A 118 -11.64 -12.57 -14.24
CA LEU A 118 -11.32 -13.47 -13.14
C LEU A 118 -12.58 -13.85 -12.38
N ILE A 119 -12.73 -15.14 -12.15
CA ILE A 119 -13.72 -15.69 -11.24
C ILE A 119 -12.94 -16.37 -10.13
N VAL A 120 -13.31 -16.14 -8.87
CA VAL A 120 -12.80 -16.95 -7.76
C VAL A 120 -13.88 -17.11 -6.70
N ASN A 121 -13.54 -17.88 -5.68
CA ASN A 121 -14.47 -18.22 -4.62
C ASN A 121 -13.73 -18.24 -3.29
N ASN A 122 -14.49 -18.08 -2.20
CA ASN A 122 -13.91 -18.27 -0.88
C ASN A 122 -14.87 -19.00 0.04
N ALA A 123 -15.63 -19.95 -0.51
CA ALA A 123 -16.40 -20.91 0.26
C ALA A 123 -17.57 -20.23 0.96
N THR A 124 -17.62 -18.90 0.89
CA THR A 124 -18.75 -18.15 1.43
C THR A 124 -19.58 -17.59 0.28
N ASN A 125 -18.92 -16.90 -0.62
CA ASN A 125 -19.56 -16.30 -1.80
C ASN A 125 -18.57 -16.36 -2.95
N VAL A 126 -19.08 -16.18 -4.17
CA VAL A 126 -18.22 -16.07 -5.34
C VAL A 126 -17.94 -14.61 -5.62
N VAL A 127 -16.72 -14.31 -6.04
CA VAL A 127 -16.32 -12.95 -6.36
C VAL A 127 -15.78 -12.90 -7.79
N ILE A 128 -16.28 -11.94 -8.54
CA ILE A 128 -16.08 -11.83 -9.98
C ILE A 128 -15.48 -10.47 -10.25
N LYS A 129 -14.35 -10.44 -10.94
CA LYS A 129 -13.74 -9.18 -11.27
C LYS A 129 -13.30 -9.24 -12.72
N VAL A 130 -13.12 -8.07 -13.32
CA VAL A 130 -12.33 -7.99 -14.53
C VAL A 130 -11.20 -7.06 -14.18
N CYS A 131 -10.08 -7.23 -14.86
CA CYS A 131 -8.99 -6.32 -14.55
C CYS A 131 -7.88 -6.55 -15.55
N GLU A 132 -6.89 -5.68 -15.50
CA GLU A 132 -5.60 -6.01 -16.08
C GLU A 132 -4.76 -6.59 -14.96
N PHE A 133 -4.77 -7.91 -14.86
CA PHE A 133 -4.15 -8.64 -13.76
C PHE A 133 -2.65 -8.76 -14.00
N GLN A 134 -2.00 -9.62 -13.22
CA GLN A 134 -0.59 -10.01 -13.41
C GLN A 134 -0.45 -11.52 -13.24
N PHE A 135 -1.30 -12.27 -13.93
CA PHE A 135 -1.34 -13.72 -13.76
C PHE A 135 -0.01 -14.35 -14.13
N CYS A 136 0.48 -15.22 -13.26
CA CYS A 136 1.69 -15.98 -13.56
C CYS A 136 1.33 -17.40 -13.99
N ASN A 137 2.29 -18.06 -14.61
CA ASN A 137 1.98 -19.22 -15.45
C ASN A 137 1.30 -20.31 -14.64
N ASP A 138 1.81 -20.62 -13.47
CA ASP A 138 1.07 -21.49 -12.57
C ASP A 138 0.46 -20.67 -11.44
N PRO A 139 -0.73 -20.11 -11.64
CA PRO A 139 -1.38 -19.39 -10.55
C PRO A 139 -2.15 -20.37 -9.68
N PHE A 140 -2.21 -20.05 -8.39
CA PHE A 140 -3.09 -20.79 -7.51
C PHE A 140 -3.27 -20.01 -6.22
N LEU A 141 -4.51 -19.93 -5.77
CA LEU A 141 -4.79 -19.31 -4.49
C LEU A 141 -4.28 -20.22 -3.37
N GLY A 142 -4.03 -19.63 -2.21
CA GLY A 142 -3.48 -20.42 -1.13
C GLY A 142 -4.40 -20.46 0.07
N VAL A 143 -4.87 -21.64 0.46
CA VAL A 143 -5.71 -21.76 1.66
C VAL A 143 -4.83 -22.25 2.81
N TYR A 144 -4.61 -21.38 3.79
CA TYR A 144 -3.55 -21.62 4.77
C TYR A 144 -4.03 -21.39 6.18
N TYR A 145 -3.52 -22.22 7.09
CA TYR A 145 -3.86 -22.21 8.52
C TYR A 145 -3.58 -20.86 9.15
N HIS A 146 -4.61 -20.30 9.81
CA HIS A 146 -4.49 -19.03 10.50
C HIS A 146 -4.01 -19.18 11.93
N LYS A 147 -3.81 -20.42 12.39
CA LYS A 147 -3.41 -20.78 13.74
C LYS A 147 -4.51 -20.57 14.76
N ASN A 148 -5.75 -20.39 14.31
CA ASN A 148 -6.90 -20.32 15.21
C ASN A 148 -7.98 -21.28 14.70
N ASN A 149 -8.60 -21.99 15.65
CA ASN A 149 -9.82 -22.77 15.47
C ASN A 149 -9.65 -23.99 14.58
N LYS A 150 -8.43 -24.27 14.09
CA LYS A 150 -8.13 -25.20 13.00
C LYS A 150 -8.55 -24.62 11.65
N SER A 151 -9.25 -23.49 11.64
CA SER A 151 -9.69 -22.91 10.39
C SER A 151 -8.51 -22.21 9.72
N TRP A 152 -8.80 -21.39 8.73
CA TRP A 152 -7.80 -20.92 7.79
C TRP A 152 -8.22 -19.61 7.13
N MET A 153 -7.25 -18.97 6.48
CA MET A 153 -7.46 -17.90 5.52
C MET A 153 -7.07 -18.39 4.13
N GLU A 154 -7.51 -17.64 3.12
CA GLU A 154 -7.50 -18.06 1.72
C GLU A 154 -6.76 -17.05 0.84
N SER A 155 -5.54 -16.71 1.22
CA SER A 155 -4.79 -15.70 0.48
C SER A 155 -4.58 -16.13 -0.98
N GLU A 156 -4.54 -15.14 -1.88
CA GLU A 156 -4.36 -15.42 -3.32
C GLU A 156 -3.19 -14.60 -3.87
N PHE A 157 -2.23 -14.24 -3.01
CA PHE A 157 -1.08 -13.47 -3.49
C PHE A 157 -0.26 -14.24 -4.50
N ARG A 158 -0.46 -15.56 -4.58
CA ARG A 158 0.32 -16.44 -5.44
C ARG A 158 -0.27 -16.55 -6.85
N VAL A 159 -1.36 -15.85 -7.14
CA VAL A 159 -1.97 -15.95 -8.46
C VAL A 159 -1.45 -14.82 -9.33
N TYR A 160 -1.23 -13.65 -8.74
CA TYR A 160 -0.79 -12.48 -9.49
C TYR A 160 -0.08 -11.54 -8.54
N SER A 161 0.87 -10.77 -9.08
CA SER A 161 1.51 -9.73 -8.30
C SER A 161 0.75 -8.41 -8.37
N SER A 162 -0.37 -8.37 -9.09
CA SER A 162 -1.19 -7.17 -9.19
C SER A 162 -2.48 -7.52 -9.93
N ALA A 163 -3.58 -6.87 -9.53
CA ALA A 163 -4.82 -6.84 -10.30
C ALA A 163 -5.37 -5.43 -10.14
N ASN A 164 -4.94 -4.52 -11.01
CA ASN A 164 -4.99 -3.10 -10.71
C ASN A 164 -5.39 -2.29 -11.93
N ASN A 165 -5.88 -1.07 -11.68
CA ASN A 165 -6.18 -0.11 -12.75
C ASN A 165 -7.27 -0.66 -13.67
N CYS A 166 -8.44 -0.90 -13.09
CA CYS A 166 -9.39 -1.79 -13.75
C CYS A 166 -10.73 -1.80 -13.03
N THR A 167 -11.75 -2.28 -13.76
CA THR A 167 -13.14 -1.87 -13.53
C THR A 167 -14.02 -2.78 -12.69
N PHE A 168 -14.37 -3.95 -13.21
CA PHE A 168 -15.55 -4.63 -12.70
C PHE A 168 -15.35 -5.12 -11.28
N GLU A 169 -16.47 -5.34 -10.61
CA GLU A 169 -16.54 -6.03 -9.34
C GLU A 169 -17.94 -6.58 -9.21
N TYR A 170 -18.05 -7.76 -8.62
CA TYR A 170 -19.37 -8.33 -8.37
C TYR A 170 -19.20 -9.46 -7.38
N VAL A 171 -20.17 -9.63 -6.49
CA VAL A 171 -20.12 -10.69 -5.49
C VAL A 171 -21.50 -11.29 -5.37
N SER A 172 -21.57 -12.62 -5.34
CA SER A 172 -22.85 -13.31 -5.28
C SER A 172 -22.73 -14.56 -4.42
N GLN A 173 -23.85 -15.22 -4.20
CA GLN A 173 -23.81 -16.56 -3.65
C GLN A 173 -22.89 -17.40 -4.51
N PRO A 174 -22.03 -18.25 -3.93
CA PRO A 174 -20.91 -18.80 -4.69
C PRO A 174 -21.38 -19.51 -5.95
N PHE A 175 -20.60 -19.34 -7.03
CA PHE A 175 -20.82 -20.16 -8.20
C PHE A 175 -20.66 -21.63 -7.86
N LEU A 176 -19.64 -21.96 -7.08
CA LEU A 176 -19.47 -23.31 -6.58
C LEU A 176 -20.33 -23.45 -5.33
N MET A 177 -21.38 -24.24 -5.42
CA MET A 177 -22.23 -24.52 -4.28
C MET A 177 -21.67 -25.73 -3.55
N ASP A 178 -20.99 -25.48 -2.42
CA ASP A 178 -20.45 -26.53 -1.58
C ASP A 178 -21.58 -27.44 -1.10
N LEU A 179 -21.32 -28.74 -1.10
CA LEU A 179 -22.38 -29.72 -0.84
C LEU A 179 -21.90 -30.78 0.14
N GLU A 180 -22.85 -31.63 0.52
CA GLU A 180 -22.75 -32.64 1.57
C GLU A 180 -22.40 -34.02 1.01
N GLY A 181 -21.37 -34.11 0.16
CA GLY A 181 -21.11 -35.42 -0.40
C GLY A 181 -20.44 -36.42 0.54
N LYS A 182 -19.12 -36.31 0.69
CA LYS A 182 -18.34 -37.04 1.70
C LYS A 182 -18.49 -38.56 1.63
N GLN A 183 -19.28 -39.07 0.68
CA GLN A 183 -19.48 -40.50 0.49
C GLN A 183 -18.91 -40.97 -0.84
N GLY A 184 -19.31 -40.36 -1.94
CA GLY A 184 -18.54 -40.40 -3.16
C GLY A 184 -19.01 -41.37 -4.21
N ASN A 185 -19.82 -40.86 -5.14
CA ASN A 185 -19.99 -41.46 -6.45
C ASN A 185 -20.11 -40.38 -7.51
N PHE A 186 -20.06 -39.11 -7.11
CA PHE A 186 -20.45 -38.01 -7.98
C PHE A 186 -19.39 -36.92 -8.09
N LYS A 187 -18.83 -36.51 -6.97
CA LYS A 187 -17.82 -35.46 -6.89
C LYS A 187 -18.34 -34.07 -7.28
N ASN A 188 -19.64 -33.98 -7.59
CA ASN A 188 -20.48 -32.79 -7.77
C ASN A 188 -20.36 -32.12 -9.13
N LEU A 189 -19.40 -32.47 -9.97
CA LEU A 189 -19.34 -32.02 -11.36
C LEU A 189 -19.61 -30.52 -11.47
N ARG A 190 -18.67 -29.74 -10.94
CA ARG A 190 -18.76 -28.29 -11.12
C ARG A 190 -18.83 -27.98 -12.61
N GLU A 191 -20.03 -27.69 -13.11
CA GLU A 191 -20.20 -27.43 -14.56
C GLU A 191 -20.48 -25.95 -14.83
N PHE A 192 -19.87 -25.40 -15.89
CA PHE A 192 -20.09 -24.02 -16.29
C PHE A 192 -19.96 -23.91 -17.80
N VAL A 193 -20.59 -22.88 -18.36
CA VAL A 193 -20.39 -22.48 -19.74
C VAL A 193 -20.19 -20.98 -19.79
N PHE A 194 -19.09 -20.56 -20.39
CA PHE A 194 -18.60 -19.20 -20.39
C PHE A 194 -18.62 -18.72 -21.83
N LYS A 195 -19.50 -17.77 -22.18
CA LYS A 195 -19.48 -17.32 -23.57
C LYS A 195 -19.55 -15.81 -23.67
N ASN A 196 -18.68 -15.26 -24.52
CA ASN A 196 -18.53 -13.83 -24.72
C ASN A 196 -19.04 -13.49 -26.11
N ILE A 197 -20.29 -13.03 -26.19
CA ILE A 197 -20.90 -12.67 -27.46
C ILE A 197 -21.47 -11.27 -27.34
N ASP A 198 -21.37 -10.49 -28.42
CA ASP A 198 -21.93 -9.15 -28.54
C ASP A 198 -21.62 -8.29 -27.31
N GLY A 199 -20.38 -8.40 -26.84
CA GLY A 199 -19.93 -7.55 -25.75
C GLY A 199 -20.36 -7.99 -24.38
N TYR A 200 -21.09 -9.10 -24.26
CA TYR A 200 -21.54 -9.65 -23.00
C TYR A 200 -20.79 -10.93 -22.70
N PHE A 201 -20.54 -11.17 -21.42
CA PHE A 201 -20.02 -12.45 -20.95
C PHE A 201 -21.09 -13.11 -20.11
N LYS A 202 -21.45 -14.33 -20.47
CA LYS A 202 -22.58 -14.97 -19.85
C LYS A 202 -22.20 -16.35 -19.34
N ILE A 203 -22.69 -16.66 -18.14
CA ILE A 203 -22.34 -17.85 -17.38
C ILE A 203 -23.61 -18.67 -17.24
N TYR A 204 -23.58 -19.88 -17.78
CA TYR A 204 -24.72 -20.79 -17.78
C TYR A 204 -24.26 -22.10 -17.15
N SER A 205 -24.88 -22.51 -16.04
CA SER A 205 -24.34 -23.72 -15.42
C SER A 205 -25.31 -24.30 -14.40
N LYS A 206 -24.88 -25.43 -13.83
CA LYS A 206 -25.52 -26.05 -12.69
C LYS A 206 -24.63 -27.18 -12.18
N HIS A 207 -24.71 -27.43 -10.88
CA HIS A 207 -23.96 -28.51 -10.25
C HIS A 207 -24.75 -29.81 -10.28
N THR A 208 -24.02 -30.92 -10.50
CA THR A 208 -24.64 -32.22 -10.75
C THR A 208 -23.92 -33.30 -9.97
N PRO A 209 -24.52 -33.81 -8.90
CA PRO A 209 -24.06 -35.07 -8.31
C PRO A 209 -24.66 -36.25 -9.06
N ILE A 210 -23.81 -37.12 -9.58
CA ILE A 210 -24.22 -38.21 -10.45
C ILE A 210 -23.74 -39.55 -9.89
N ASN A 211 -24.59 -40.57 -10.02
CA ASN A 211 -24.30 -41.93 -9.47
C ASN A 211 -23.32 -42.69 -10.37
N LEU A 212 -22.79 -42.07 -11.42
CA LEU A 212 -21.86 -42.78 -12.28
C LEU A 212 -20.43 -42.55 -11.80
N VAL A 213 -19.55 -43.52 -12.09
CA VAL A 213 -18.21 -43.53 -11.48
C VAL A 213 -17.28 -42.49 -12.09
N ARG A 214 -17.07 -42.53 -13.42
CA ARG A 214 -15.98 -41.75 -14.01
C ARG A 214 -16.43 -40.71 -15.02
N ASP A 215 -17.20 -41.08 -16.04
CA ASP A 215 -17.41 -40.19 -17.18
C ASP A 215 -18.84 -39.67 -17.25
N LEU A 216 -19.08 -38.79 -18.22
CA LEU A 216 -20.32 -38.05 -18.34
C LEU A 216 -21.42 -38.93 -18.92
N PRO A 217 -22.67 -38.69 -18.52
CA PRO A 217 -23.69 -39.73 -18.60
C PRO A 217 -24.30 -39.85 -20.00
N GLN A 218 -25.08 -40.92 -20.15
CA GLN A 218 -26.01 -41.04 -21.27
C GLN A 218 -27.18 -40.08 -21.11
N GLY A 219 -27.67 -39.91 -19.88
CA GLY A 219 -28.70 -38.93 -19.61
C GLY A 219 -28.16 -37.52 -19.68
N PHE A 220 -29.07 -36.55 -19.64
CA PHE A 220 -28.69 -35.18 -19.94
C PHE A 220 -29.44 -34.22 -19.02
N SER A 221 -28.79 -33.09 -18.76
CA SER A 221 -29.43 -31.96 -18.09
C SER A 221 -28.90 -30.69 -18.71
N ALA A 222 -29.82 -29.87 -19.20
CA ALA A 222 -29.46 -28.56 -19.71
C ALA A 222 -29.13 -27.63 -18.55
N LEU A 223 -28.16 -26.77 -18.78
CA LEU A 223 -27.74 -25.85 -17.74
C LEU A 223 -28.78 -24.74 -17.57
N GLU A 224 -28.48 -23.82 -16.68
CA GLU A 224 -29.30 -22.62 -16.53
C GLU A 224 -28.38 -21.42 -16.51
N PRO A 225 -28.85 -20.28 -17.02
CA PRO A 225 -28.01 -19.08 -17.05
C PRO A 225 -27.82 -18.53 -15.65
N LEU A 226 -26.61 -18.68 -15.12
CA LEU A 226 -26.32 -18.05 -13.85
C LEU A 226 -26.41 -16.55 -13.97
N VAL A 227 -25.61 -15.96 -14.83
CA VAL A 227 -25.49 -14.51 -14.86
C VAL A 227 -25.15 -14.05 -16.27
N ASP A 228 -25.46 -12.79 -16.54
CA ASP A 228 -25.13 -12.14 -17.79
C ASP A 228 -24.51 -10.79 -17.49
N LEU A 229 -23.32 -10.53 -18.02
CA LEU A 229 -22.52 -9.47 -17.51
C LEU A 229 -22.01 -8.58 -18.64
N PRO A 230 -21.92 -7.28 -18.41
CA PRO A 230 -21.41 -6.34 -19.40
C PRO A 230 -19.91 -6.08 -19.26
N ILE A 231 -19.10 -7.04 -19.68
CA ILE A 231 -17.67 -6.79 -19.66
C ILE A 231 -17.22 -6.14 -20.96
N GLY A 232 -17.56 -6.76 -22.09
CA GLY A 232 -17.13 -6.27 -23.37
C GLY A 232 -15.63 -6.28 -23.54
N ILE A 233 -15.00 -7.38 -23.13
CA ILE A 233 -13.57 -7.58 -23.34
C ILE A 233 -13.39 -8.80 -24.23
N ASN A 234 -12.62 -8.63 -25.29
CA ASN A 234 -12.29 -9.73 -26.18
C ASN A 234 -11.58 -10.81 -25.37
N ILE A 235 -12.04 -12.05 -25.48
CA ILE A 235 -11.50 -13.15 -24.68
C ILE A 235 -11.10 -14.26 -25.64
N THR A 236 -9.83 -14.69 -25.56
CA THR A 236 -9.40 -15.80 -26.40
C THR A 236 -8.46 -16.77 -25.69
N ARG A 237 -8.45 -16.74 -24.36
CA ARG A 237 -7.55 -17.67 -23.61
C ARG A 237 -7.93 -17.66 -22.12
N PHE A 238 -7.92 -18.84 -21.48
CA PHE A 238 -8.26 -18.90 -20.07
C PHE A 238 -7.63 -20.14 -19.43
N GLN A 239 -7.02 -19.95 -18.26
CA GLN A 239 -6.48 -21.03 -17.46
C GLN A 239 -7.26 -21.12 -16.16
N THR A 240 -7.67 -22.33 -15.78
CA THR A 240 -8.44 -22.45 -14.56
C THR A 240 -7.52 -22.46 -13.34
N LEU A 241 -8.10 -22.27 -12.17
CA LEU A 241 -7.34 -22.02 -10.95
C LEU A 241 -7.80 -22.91 -9.80
N LEU A 242 -6.84 -23.25 -8.94
CA LEU A 242 -7.10 -23.97 -7.70
C LEU A 242 -6.48 -23.19 -6.55
N ALA A 243 -6.95 -23.51 -5.34
CA ALA A 243 -6.47 -22.86 -4.11
C ALA A 243 -5.89 -23.95 -3.22
N LEU A 244 -4.62 -24.28 -3.41
CA LEU A 244 -4.08 -25.46 -2.76
C LEU A 244 -4.11 -25.36 -1.24
N HIS A 245 -4.39 -26.51 -0.63
CA HIS A 245 -4.41 -26.64 0.82
C HIS A 245 -2.98 -26.60 1.32
N ARG A 246 -2.63 -25.49 1.97
CA ARG A 246 -1.25 -25.26 2.38
C ARG A 246 -0.86 -26.32 3.40
N SER A 247 0.08 -27.17 3.02
CA SER A 247 0.59 -28.20 3.92
C SER A 247 1.17 -27.53 5.16
N TYR A 248 1.01 -28.20 6.30
CA TYR A 248 1.55 -27.69 7.56
C TYR A 248 2.96 -27.17 7.37
N LEU A 249 3.22 -25.98 7.91
CA LEU A 249 4.36 -25.18 7.47
C LEU A 249 5.67 -25.95 7.61
N THR A 250 6.44 -25.98 6.54
CA THR A 250 7.66 -26.76 6.40
C THR A 250 8.74 -25.90 5.77
N PRO A 251 10.02 -26.13 6.12
CA PRO A 251 11.12 -25.60 5.31
C PRO A 251 10.94 -25.99 3.85
N GLY A 252 10.72 -25.00 3.00
CA GLY A 252 10.19 -25.25 1.68
C GLY A 252 8.75 -24.82 1.64
N ASP A 253 8.52 -23.62 1.11
CA ASP A 253 7.20 -23.02 1.06
C ASP A 253 6.71 -22.81 -0.37
N SER A 254 7.57 -22.96 -1.38
CA SER A 254 7.18 -22.80 -2.77
C SER A 254 7.34 -24.09 -3.58
N SER A 255 8.57 -24.56 -3.77
CA SER A 255 8.81 -25.80 -4.51
C SER A 255 8.98 -26.95 -3.52
N SER A 256 7.88 -27.25 -2.84
CA SER A 256 7.89 -28.16 -1.70
C SER A 256 6.69 -29.09 -1.81
N GLY A 257 6.38 -29.77 -0.71
CA GLY A 257 5.23 -30.64 -0.69
C GLY A 257 3.96 -29.91 -1.04
N TRP A 258 3.28 -30.35 -2.09
CA TRP A 258 2.12 -29.63 -2.59
C TRP A 258 1.14 -30.64 -3.16
N THR A 259 0.22 -30.17 -4.00
CA THR A 259 -0.82 -31.00 -4.60
C THR A 259 -1.63 -31.70 -3.51
N ALA A 260 -2.03 -30.89 -2.52
CA ALA A 260 -3.00 -31.33 -1.53
C ALA A 260 -4.34 -31.48 -2.23
N GLY A 261 -4.74 -32.71 -2.48
CA GLY A 261 -5.96 -32.94 -3.25
C GLY A 261 -5.66 -33.27 -4.70
N ALA A 262 -6.47 -34.18 -5.26
CA ALA A 262 -6.27 -34.73 -6.58
C ALA A 262 -7.59 -34.88 -7.35
N ALA A 263 -7.59 -34.44 -8.61
CA ALA A 263 -8.74 -34.59 -9.52
C ALA A 263 -8.29 -34.19 -10.92
N ALA A 264 -9.27 -34.00 -11.82
CA ALA A 264 -9.01 -33.61 -13.20
C ALA A 264 -10.24 -32.91 -13.77
N TYR A 265 -10.03 -32.12 -14.83
CA TYR A 265 -11.12 -31.31 -15.33
C TYR A 265 -11.23 -31.41 -16.84
N TYR A 266 -12.44 -31.17 -17.35
CA TYR A 266 -12.76 -31.25 -18.77
C TYR A 266 -12.94 -29.85 -19.35
N VAL A 267 -12.61 -29.69 -20.64
CA VAL A 267 -12.87 -28.46 -21.39
C VAL A 267 -13.40 -28.81 -22.77
N GLY A 268 -14.46 -28.11 -23.20
CA GLY A 268 -14.98 -28.25 -24.55
C GLY A 268 -15.41 -26.96 -25.22
N TYR A 269 -14.92 -26.68 -26.43
CA TYR A 269 -15.16 -25.39 -27.06
C TYR A 269 -16.56 -25.34 -27.68
N LEU A 270 -16.84 -24.28 -28.43
CA LEU A 270 -18.15 -24.07 -29.03
C LEU A 270 -18.00 -23.77 -30.52
N GLN A 271 -19.12 -23.83 -31.23
CA GLN A 271 -19.22 -23.30 -32.58
C GLN A 271 -20.70 -23.07 -32.88
N PRO A 272 -21.01 -22.21 -33.84
CA PRO A 272 -22.42 -21.97 -34.15
C PRO A 272 -23.14 -23.26 -34.55
N ARG A 273 -24.34 -23.43 -34.01
CA ARG A 273 -25.24 -24.52 -34.37
C ARG A 273 -26.67 -24.14 -33.99
N THR A 274 -27.61 -24.90 -34.52
CA THR A 274 -29.03 -24.66 -34.35
C THR A 274 -29.76 -25.97 -34.10
N PHE A 275 -30.66 -25.98 -33.13
CA PHE A 275 -31.33 -27.20 -32.73
C PHE A 275 -32.76 -26.89 -32.33
N LEU A 276 -33.67 -27.83 -32.58
CA LEU A 276 -35.02 -27.77 -32.07
C LEU A 276 -35.09 -28.65 -30.83
N LEU A 277 -35.36 -28.05 -29.69
CA LEU A 277 -35.34 -28.74 -28.41
C LEU A 277 -36.77 -29.06 -27.99
N LYS A 278 -36.95 -30.25 -27.40
CA LYS A 278 -38.25 -30.70 -26.92
C LYS A 278 -38.45 -30.15 -25.51
N TYR A 279 -38.89 -28.89 -25.44
CA TYR A 279 -39.04 -28.20 -24.17
C TYR A 279 -40.11 -28.86 -23.31
N ASN A 280 -40.14 -28.48 -22.03
CA ASN A 280 -41.20 -28.91 -21.13
C ASN A 280 -41.74 -27.75 -20.32
N GLU A 281 -42.66 -28.05 -19.40
CA GLU A 281 -43.53 -27.02 -18.82
C GLU A 281 -42.77 -26.11 -17.87
N ASN A 282 -41.87 -26.65 -17.05
CA ASN A 282 -41.16 -25.89 -16.04
C ASN A 282 -39.93 -25.19 -16.60
N GLY A 283 -39.78 -25.15 -17.92
CA GLY A 283 -38.55 -24.67 -18.51
C GLY A 283 -37.51 -25.77 -18.54
N THR A 284 -37.82 -26.84 -19.26
CA THR A 284 -37.04 -28.05 -19.24
C THR A 284 -36.63 -28.44 -20.67
N ILE A 285 -35.60 -29.26 -20.78
CA ILE A 285 -35.03 -29.69 -22.06
C ILE A 285 -34.86 -31.20 -22.06
N THR A 286 -35.20 -31.83 -23.19
CA THR A 286 -35.00 -33.27 -23.33
C THR A 286 -33.98 -33.62 -24.40
N ASP A 287 -34.19 -33.23 -25.66
CA ASP A 287 -33.41 -33.81 -26.74
C ASP A 287 -33.37 -32.88 -27.95
N ALA A 288 -32.42 -33.14 -28.84
CA ALA A 288 -32.31 -32.44 -30.11
C ALA A 288 -31.39 -33.23 -31.02
N VAL A 289 -31.48 -32.95 -32.32
CA VAL A 289 -30.69 -33.64 -33.34
C VAL A 289 -30.29 -32.63 -34.42
N ASP A 290 -29.03 -32.72 -34.85
CA ASP A 290 -28.51 -31.95 -35.98
C ASP A 290 -27.12 -32.45 -36.33
N ASN B 331 -38.49 -3.26 -10.28
CA ASN B 331 -37.29 -3.15 -11.09
C ASN B 331 -36.25 -2.31 -10.40
N ILE B 332 -36.62 -1.08 -10.04
CA ILE B 332 -35.68 -0.20 -9.35
C ILE B 332 -35.27 -0.80 -8.02
N THR B 333 -33.97 -1.01 -7.86
CA THR B 333 -33.43 -1.51 -6.59
C THR B 333 -32.21 -0.70 -6.16
N ASN B 334 -31.37 -0.32 -7.11
CA ASN B 334 -30.14 0.39 -6.82
C ASN B 334 -30.08 1.68 -7.62
N LEU B 335 -29.03 2.46 -7.36
CA LEU B 335 -28.70 3.63 -8.16
C LEU B 335 -27.19 3.68 -8.36
N CYS B 336 -26.75 4.56 -9.25
CA CYS B 336 -25.33 4.87 -9.31
C CYS B 336 -24.94 5.68 -8.09
N PRO B 337 -23.77 5.47 -7.58
CA PRO B 337 -23.39 6.14 -6.33
C PRO B 337 -23.16 7.61 -6.56
N PHE B 338 -24.18 8.30 -7.06
CA PHE B 338 -24.02 9.70 -7.43
C PHE B 338 -23.68 10.54 -6.22
N GLY B 339 -24.38 10.31 -5.10
CA GLY B 339 -24.15 11.09 -3.91
C GLY B 339 -22.73 11.05 -3.42
N GLU B 340 -21.96 10.05 -3.85
CA GLU B 340 -20.58 9.96 -3.44
C GLU B 340 -19.74 11.11 -3.98
N VAL B 341 -20.27 11.88 -4.94
CA VAL B 341 -19.68 13.14 -5.34
C VAL B 341 -20.67 14.30 -5.20
N PHE B 342 -21.92 14.10 -5.61
CA PHE B 342 -22.91 15.17 -5.51
C PHE B 342 -23.16 15.58 -4.07
N ASN B 343 -22.48 14.92 -3.14
CA ASN B 343 -22.41 15.38 -1.76
C ASN B 343 -21.02 15.23 -1.14
N ALA B 344 -19.99 14.95 -1.92
CA ALA B 344 -18.71 14.53 -1.36
C ALA B 344 -18.04 15.66 -0.59
N THR B 345 -17.23 15.26 0.39
CA THR B 345 -16.76 16.21 1.40
C THR B 345 -15.80 17.22 0.79
N ARG B 346 -14.85 16.77 0.00
CA ARG B 346 -13.94 17.67 -0.68
C ARG B 346 -13.92 17.30 -2.16
N PHE B 347 -13.68 18.29 -2.99
CA PHE B 347 -13.46 18.04 -4.39
C PHE B 347 -12.03 18.38 -4.76
N ALA B 348 -11.58 17.79 -5.87
CA ALA B 348 -10.21 17.96 -6.32
C ALA B 348 -9.95 19.38 -6.75
N SER B 349 -8.68 19.76 -6.74
CA SER B 349 -8.29 20.91 -7.54
C SER B 349 -8.60 20.60 -8.99
N VAL B 350 -9.05 21.62 -9.74
CA VAL B 350 -9.46 21.38 -11.11
C VAL B 350 -8.30 20.91 -11.97
N TYR B 351 -7.08 21.34 -11.65
CA TYR B 351 -5.94 20.89 -12.44
C TYR B 351 -5.78 19.39 -12.33
N ALA B 352 -5.98 18.83 -11.14
CA ALA B 352 -5.93 17.39 -10.95
C ALA B 352 -7.32 16.79 -10.88
N TRP B 353 -8.30 17.43 -11.52
CA TRP B 353 -9.71 17.08 -11.42
C TRP B 353 -9.93 15.58 -11.32
N ASN B 354 -10.73 15.16 -10.36
CA ASN B 354 -10.97 13.74 -10.24
C ASN B 354 -11.78 13.25 -11.42
N ARG B 355 -11.56 12.01 -11.83
CA ARG B 355 -12.35 11.41 -12.90
C ARG B 355 -13.03 10.18 -12.35
N LYS B 356 -14.16 10.37 -11.68
CA LYS B 356 -14.81 9.23 -11.08
C LYS B 356 -15.51 8.49 -12.20
N ARG B 357 -15.05 7.30 -12.50
CA ARG B 357 -15.72 6.47 -13.50
C ARG B 357 -16.97 5.87 -12.88
N ILE B 358 -18.10 6.01 -13.57
CA ILE B 358 -19.37 5.46 -13.12
C ILE B 358 -19.86 4.48 -14.16
N SER B 359 -20.27 3.31 -13.70
CA SER B 359 -20.81 2.28 -14.56
C SER B 359 -21.50 1.26 -13.68
N ASN B 360 -22.15 0.29 -14.31
CA ASN B 360 -22.79 -0.82 -13.62
C ASN B 360 -23.75 -0.32 -12.54
N CYS B 361 -24.78 0.39 -12.99
CA CYS B 361 -25.77 0.95 -12.09
C CYS B 361 -26.87 1.57 -12.96
N VAL B 362 -27.90 2.09 -12.30
CA VAL B 362 -28.93 2.85 -12.99
C VAL B 362 -28.95 4.24 -12.39
N ALA B 363 -29.62 5.16 -13.08
CA ALA B 363 -29.58 6.56 -12.71
C ALA B 363 -30.97 7.16 -12.82
N ASP B 364 -31.43 7.79 -11.75
CA ASP B 364 -32.62 8.60 -11.76
C ASP B 364 -32.15 10.04 -11.93
N TYR B 365 -31.75 10.37 -13.16
CA TYR B 365 -31.09 11.64 -13.45
C TYR B 365 -31.94 12.83 -13.07
N SER B 366 -33.26 12.67 -13.06
CA SER B 366 -34.13 13.83 -12.89
C SER B 366 -33.87 14.51 -11.55
N VAL B 367 -33.82 13.75 -10.46
CA VAL B 367 -33.54 14.36 -9.18
C VAL B 367 -32.11 14.90 -9.16
N LEU B 368 -31.21 14.26 -9.91
CA LEU B 368 -29.86 14.79 -10.07
C LEU B 368 -29.91 16.16 -10.71
N TYR B 369 -31.11 16.52 -11.19
CA TYR B 369 -31.40 17.83 -11.83
C TYR B 369 -32.53 18.56 -11.06
N ASN B 370 -33.59 17.85 -10.67
CA ASN B 370 -34.71 18.47 -9.96
C ASN B 370 -34.32 18.58 -8.49
N SER B 371 -33.49 19.60 -8.20
CA SER B 371 -33.03 19.82 -6.80
C SER B 371 -33.14 21.30 -6.43
N ALA B 372 -33.29 22.16 -7.44
CA ALA B 372 -33.40 23.60 -7.17
C ALA B 372 -32.22 24.16 -6.41
N SER B 373 -31.15 23.38 -6.24
CA SER B 373 -29.96 23.83 -5.52
C SER B 373 -28.79 24.16 -6.43
N PHE B 374 -28.75 23.61 -7.64
CA PHE B 374 -27.65 23.82 -8.55
C PHE B 374 -27.68 25.24 -9.12
N SER B 375 -26.53 25.89 -9.16
CA SER B 375 -26.42 27.17 -9.82
C SER B 375 -26.15 27.04 -11.31
N THR B 376 -26.12 25.82 -11.84
CA THR B 376 -25.92 25.58 -13.27
C THR B 376 -26.16 24.10 -13.57
N PHE B 377 -26.86 23.83 -14.67
CA PHE B 377 -26.98 22.45 -15.18
C PHE B 377 -27.25 22.56 -16.68
N LYS B 378 -26.22 22.35 -17.49
CA LYS B 378 -26.38 22.49 -18.93
C LYS B 378 -26.01 21.19 -19.62
N CYS B 379 -26.89 20.68 -20.47
CA CYS B 379 -26.65 19.42 -21.16
C CYS B 379 -26.33 19.68 -22.62
N TYR B 380 -25.23 19.13 -23.10
CA TYR B 380 -24.72 19.36 -24.43
C TYR B 380 -24.71 18.05 -25.20
N GLY B 381 -25.08 18.12 -26.47
CA GLY B 381 -25.31 16.90 -27.23
C GLY B 381 -26.49 16.11 -26.74
N VAL B 382 -27.00 16.41 -25.54
CA VAL B 382 -28.19 15.82 -25.00
C VAL B 382 -28.99 16.93 -24.34
N SER B 383 -30.23 16.63 -23.99
CA SER B 383 -31.09 17.60 -23.32
C SER B 383 -31.79 16.95 -22.15
N PRO B 384 -32.11 17.71 -21.10
CA PRO B 384 -32.79 17.12 -19.94
C PRO B 384 -34.08 16.42 -20.29
N THR B 385 -34.77 16.86 -21.33
CA THR B 385 -35.96 16.16 -21.79
C THR B 385 -35.60 14.73 -22.17
N LYS B 386 -36.48 13.79 -21.80
CA LYS B 386 -36.38 12.39 -22.18
C LYS B 386 -35.06 11.76 -21.73
N LEU B 387 -34.28 12.48 -20.92
CA LEU B 387 -32.95 12.00 -20.53
C LEU B 387 -33.03 10.65 -19.85
N ASN B 388 -34.10 10.41 -19.08
CA ASN B 388 -34.21 9.15 -18.36
C ASN B 388 -34.35 7.96 -19.28
N ASP B 389 -34.62 8.17 -20.57
CA ASP B 389 -34.52 7.06 -21.50
C ASP B 389 -33.08 6.70 -21.81
N LEU B 390 -32.13 7.59 -21.52
CA LEU B 390 -30.79 7.45 -22.04
C LEU B 390 -29.99 6.46 -21.20
N CYS B 391 -29.60 5.35 -21.81
CA CYS B 391 -28.61 4.43 -21.27
C CYS B 391 -27.27 4.69 -21.96
N PHE B 392 -26.19 4.33 -21.29
CA PHE B 392 -24.88 4.51 -21.86
C PHE B 392 -23.99 3.35 -21.44
N THR B 393 -22.89 3.17 -22.19
CA THR B 393 -21.89 2.22 -21.73
C THR B 393 -21.34 2.61 -20.37
N ASN B 394 -21.17 3.90 -20.15
CA ASN B 394 -20.67 4.38 -18.86
C ASN B 394 -20.80 5.89 -18.84
N VAL B 395 -20.50 6.47 -17.68
CA VAL B 395 -20.38 7.91 -17.55
C VAL B 395 -19.03 8.15 -16.88
N TYR B 396 -18.43 9.28 -17.19
CA TYR B 396 -17.15 9.63 -16.56
C TYR B 396 -17.35 10.93 -15.81
N ALA B 397 -17.87 10.82 -14.59
CA ALA B 397 -18.16 12.02 -13.84
C ALA B 397 -16.85 12.66 -13.42
N ASP B 398 -16.45 13.67 -14.20
CA ASP B 398 -15.26 14.50 -13.87
C ASP B 398 -15.71 15.49 -12.78
N SER B 399 -14.86 15.79 -11.80
CA SER B 399 -15.34 16.63 -10.71
C SER B 399 -14.22 17.52 -10.20
N PHE B 400 -14.57 18.72 -9.78
CA PHE B 400 -13.57 19.67 -9.31
C PHE B 400 -14.25 20.86 -8.65
N VAL B 401 -13.46 21.89 -8.39
CA VAL B 401 -13.91 23.13 -7.78
C VAL B 401 -13.35 24.29 -8.57
N ILE B 402 -14.22 25.23 -8.98
CA ILE B 402 -13.77 26.48 -9.56
C ILE B 402 -14.63 27.62 -9.07
N ARG B 403 -14.02 28.79 -8.95
CA ARG B 403 -14.75 29.97 -8.52
C ARG B 403 -15.90 30.25 -9.47
N GLY B 404 -17.04 30.63 -8.89
CA GLY B 404 -18.32 30.52 -9.56
C GLY B 404 -18.37 30.86 -11.04
N ASP B 405 -18.10 32.12 -11.36
CA ASP B 405 -18.28 32.61 -12.72
C ASP B 405 -17.61 31.71 -13.74
N GLU B 406 -16.41 31.26 -13.46
CA GLU B 406 -15.61 30.64 -14.49
C GLU B 406 -16.16 29.26 -14.87
N VAL B 407 -17.29 28.87 -14.29
CA VAL B 407 -17.96 27.70 -14.83
C VAL B 407 -18.31 27.91 -16.30
N ARG B 408 -18.34 29.16 -16.76
CA ARG B 408 -18.61 29.38 -18.18
C ARG B 408 -17.54 28.74 -19.06
N GLN B 409 -16.29 28.67 -18.58
CA GLN B 409 -15.34 27.92 -19.41
C GLN B 409 -15.66 26.45 -19.50
N ILE B 410 -16.59 25.95 -18.69
CA ILE B 410 -17.11 24.60 -18.89
C ILE B 410 -18.25 24.74 -19.88
N ALA B 411 -17.89 24.72 -21.16
CA ALA B 411 -18.81 24.74 -22.28
C ALA B 411 -18.01 24.34 -23.50
N PRO B 412 -18.41 23.29 -24.22
CA PRO B 412 -17.56 22.79 -25.31
C PRO B 412 -17.21 23.88 -26.29
N GLY B 413 -15.95 23.92 -26.69
CA GLY B 413 -15.49 24.96 -27.58
C GLY B 413 -15.26 26.29 -26.92
N GLN B 414 -15.39 26.38 -25.60
CA GLN B 414 -15.04 27.61 -24.91
C GLN B 414 -13.53 27.72 -24.76
N THR B 415 -13.05 28.92 -24.49
CA THR B 415 -11.66 29.17 -24.17
C THR B 415 -11.55 29.38 -22.66
N GLY B 416 -10.40 29.88 -22.23
CA GLY B 416 -10.22 30.25 -20.85
C GLY B 416 -9.31 29.29 -20.10
N LYS B 417 -8.81 29.76 -18.96
CA LYS B 417 -7.74 29.06 -18.28
C LYS B 417 -8.14 27.65 -17.89
N ILE B 418 -9.37 27.46 -17.43
CA ILE B 418 -9.83 26.10 -17.16
C ILE B 418 -9.89 25.31 -18.46
N ALA B 419 -10.40 25.94 -19.51
CA ALA B 419 -10.46 25.25 -20.80
C ALA B 419 -9.07 25.10 -21.39
N ASP B 420 -8.29 26.19 -21.38
CA ASP B 420 -7.01 26.18 -22.05
C ASP B 420 -6.02 25.26 -21.35
N TYR B 421 -6.03 25.24 -20.03
CA TYR B 421 -4.95 24.67 -19.25
C TYR B 421 -5.40 23.75 -18.11
N ASN B 422 -6.69 23.52 -17.93
CA ASN B 422 -7.10 22.65 -16.84
C ASN B 422 -8.11 21.60 -17.22
N TYR B 423 -8.98 21.92 -18.16
CA TYR B 423 -10.06 21.00 -18.46
C TYR B 423 -10.60 21.36 -19.85
N LYS B 424 -10.44 20.44 -20.79
CA LYS B 424 -10.86 20.66 -22.18
C LYS B 424 -12.04 19.75 -22.46
N LEU B 425 -13.23 20.35 -22.59
CA LEU B 425 -14.37 19.60 -23.07
C LEU B 425 -14.32 19.52 -24.59
N PRO B 426 -14.42 18.33 -25.17
CA PRO B 426 -14.45 18.24 -26.63
C PRO B 426 -15.64 19.01 -27.18
N ASP B 427 -15.42 19.64 -28.34
CA ASP B 427 -16.49 20.39 -28.98
C ASP B 427 -17.68 19.49 -29.30
N ASP B 428 -17.44 18.20 -29.50
CA ASP B 428 -18.47 17.24 -29.83
C ASP B 428 -18.98 16.51 -28.59
N PHE B 429 -19.08 17.24 -27.49
CA PHE B 429 -19.43 16.66 -26.19
C PHE B 429 -20.83 16.07 -26.19
N THR B 430 -20.99 15.00 -25.40
CA THR B 430 -22.26 14.27 -25.30
C THR B 430 -22.55 13.94 -23.82
N GLY B 431 -23.11 14.89 -23.10
CA GLY B 431 -23.36 14.69 -21.70
C GLY B 431 -23.92 15.92 -21.03
N CYS B 432 -23.62 16.12 -19.75
CA CYS B 432 -24.17 17.24 -19.01
C CYS B 432 -23.13 17.79 -18.05
N VAL B 433 -23.36 19.01 -17.60
CA VAL B 433 -22.48 19.70 -16.68
C VAL B 433 -23.32 20.23 -15.54
N ILE B 434 -22.84 20.06 -14.30
CA ILE B 434 -23.54 20.48 -13.11
C ILE B 434 -22.59 21.35 -12.30
N ALA B 435 -23.14 22.39 -11.67
CA ALA B 435 -22.27 23.27 -10.90
C ALA B 435 -23.09 23.97 -9.84
N TRP B 436 -22.64 23.92 -8.59
CA TRP B 436 -23.38 24.58 -7.52
C TRP B 436 -22.44 25.38 -6.64
N ASN B 437 -23.01 26.33 -5.93
CA ASN B 437 -22.27 27.04 -4.91
C ASN B 437 -21.91 26.11 -3.75
N SER B 438 -20.79 26.41 -3.11
CA SER B 438 -20.32 25.62 -1.94
C SER B 438 -19.49 26.56 -1.06
N ASN B 439 -19.87 27.84 -1.03
CA ASN B 439 -19.10 28.80 -0.25
C ASN B 439 -19.25 28.58 1.25
N ASN B 440 -20.27 27.83 1.65
CA ASN B 440 -20.34 27.39 3.04
C ASN B 440 -19.35 26.27 3.33
N LEU B 441 -19.12 25.38 2.37
CA LEU B 441 -18.35 24.17 2.61
C LEU B 441 -16.88 24.34 2.26
N ASP B 442 -16.58 24.55 0.98
CA ASP B 442 -15.20 24.61 0.52
C ASP B 442 -14.62 26.01 0.61
N SER B 443 -14.99 26.72 1.68
CA SER B 443 -14.48 28.10 1.92
C SER B 443 -13.94 28.20 3.36
N LYS B 444 -12.69 28.62 3.52
CA LYS B 444 -12.10 28.71 4.85
C LYS B 444 -11.01 29.78 4.83
N VAL B 445 -10.87 30.48 5.94
CA VAL B 445 -9.84 31.48 6.12
C VAL B 445 -8.48 30.78 6.19
N GLY B 446 -7.41 31.56 6.20
CA GLY B 446 -6.08 31.01 6.40
C GLY B 446 -5.41 30.50 5.15
N GLY B 447 -6.14 30.37 4.05
CA GLY B 447 -5.56 29.93 2.81
C GLY B 447 -5.75 28.44 2.64
N ASN B 448 -6.78 28.04 1.90
CA ASN B 448 -7.01 26.63 1.66
C ASN B 448 -6.19 26.24 0.46
N TYR B 449 -5.02 25.70 0.72
CA TYR B 449 -4.23 25.14 -0.36
C TYR B 449 -4.78 23.82 -0.84
N ASN B 450 -6.01 23.49 -0.45
CA ASN B 450 -6.63 22.31 -1.01
C ASN B 450 -6.89 22.46 -2.49
N TYR B 451 -7.04 23.68 -3.00
CA TYR B 451 -7.58 23.92 -4.33
C TYR B 451 -6.58 24.65 -5.22
N LEU B 452 -6.42 24.16 -6.46
CA LEU B 452 -5.33 24.56 -7.34
C LEU B 452 -5.73 24.44 -8.80
N TYR B 453 -5.03 25.19 -9.65
CA TYR B 453 -5.26 25.21 -11.10
C TYR B 453 -3.97 25.62 -11.81
N ARG B 454 -3.77 25.08 -13.02
CA ARG B 454 -2.57 25.34 -13.80
C ARG B 454 -2.58 26.74 -14.39
N LEU B 455 -1.40 27.30 -14.54
CA LEU B 455 -1.23 28.71 -14.84
C LEU B 455 -0.27 28.98 -15.99
N PHE B 456 0.79 28.21 -16.12
CA PHE B 456 1.75 28.28 -17.22
C PHE B 456 1.91 26.90 -17.83
N ARG B 457 1.92 26.85 -19.16
CA ARG B 457 1.93 25.56 -19.82
C ARG B 457 2.34 25.75 -21.28
N LYS B 458 3.15 24.81 -21.78
CA LYS B 458 3.54 24.84 -23.19
C LYS B 458 2.34 24.76 -24.12
N SER B 459 1.66 23.63 -24.12
CA SER B 459 0.65 23.36 -25.13
C SER B 459 -0.73 23.36 -24.52
N ASN B 460 -1.72 23.64 -25.35
CA ASN B 460 -3.09 23.57 -24.93
C ASN B 460 -3.48 22.11 -24.72
N LEU B 461 -4.64 21.92 -24.11
CA LEU B 461 -5.00 20.59 -23.62
C LEU B 461 -5.69 19.77 -24.70
N LYS B 462 -6.15 18.60 -24.31
CA LYS B 462 -6.79 17.59 -25.15
C LYS B 462 -8.07 17.19 -24.45
N PRO B 463 -9.04 16.61 -25.17
CA PRO B 463 -10.32 16.27 -24.53
C PRO B 463 -10.14 15.20 -23.48
N PHE B 464 -10.48 15.54 -22.23
CA PHE B 464 -10.42 14.62 -21.09
C PHE B 464 -9.00 14.15 -20.83
N GLU B 465 -8.05 15.08 -20.75
CA GLU B 465 -6.69 14.73 -20.38
C GLU B 465 -6.32 15.52 -19.14
N ARG B 466 -5.46 14.94 -18.31
CA ARG B 466 -5.25 15.39 -16.95
C ARG B 466 -3.76 15.52 -16.67
N ASP B 467 -3.29 16.75 -16.48
CA ASP B 467 -1.87 17.00 -16.25
C ASP B 467 -1.58 17.18 -14.77
N ILE B 468 -1.80 16.10 -14.00
CA ILE B 468 -1.50 16.17 -12.58
C ILE B 468 -0.01 16.45 -12.37
N SER B 469 0.84 15.89 -13.22
CA SER B 469 2.27 16.10 -13.07
C SER B 469 2.58 17.59 -13.18
N THR B 470 3.68 18.00 -12.57
CA THR B 470 3.84 19.40 -12.30
C THR B 470 5.26 19.87 -12.50
N GLU B 471 5.87 19.49 -13.61
CA GLU B 471 7.15 20.08 -13.94
C GLU B 471 7.00 21.59 -14.09
N ILE B 472 8.01 22.32 -13.66
CA ILE B 472 7.91 23.77 -13.60
C ILE B 472 8.20 24.37 -14.97
N TYR B 473 7.27 25.18 -15.45
CA TYR B 473 7.25 25.64 -16.83
C TYR B 473 8.42 26.56 -17.12
N GLN B 474 8.79 26.62 -18.39
CA GLN B 474 9.75 27.58 -18.89
C GLN B 474 9.18 28.24 -20.13
N ALA B 475 9.61 29.44 -20.40
CA ALA B 475 9.08 30.15 -21.55
C ALA B 475 10.15 30.67 -22.50
N GLY B 476 11.27 31.15 -21.98
CA GLY B 476 12.25 31.81 -22.82
C GLY B 476 13.57 31.09 -22.92
N SER B 477 14.65 31.80 -22.61
CA SER B 477 15.99 31.30 -22.92
C SER B 477 16.29 30.01 -22.18
N THR B 478 16.13 29.99 -20.86
CA THR B 478 16.66 28.87 -20.12
C THR B 478 15.57 28.02 -19.51
N PRO B 479 15.76 26.71 -19.44
CA PRO B 479 14.97 25.89 -18.53
C PRO B 479 15.17 26.34 -17.09
N CYS B 480 14.47 25.69 -16.17
CA CYS B 480 14.40 26.18 -14.82
C CYS B 480 15.19 25.35 -13.81
N ASN B 481 15.76 24.21 -14.21
CA ASN B 481 16.70 23.48 -13.37
C ASN B 481 16.09 23.03 -12.05
N GLY B 482 14.79 23.24 -11.89
CA GLY B 482 14.19 23.19 -10.58
C GLY B 482 14.20 24.50 -9.83
N VAL B 483 14.86 25.53 -10.36
CA VAL B 483 14.76 26.88 -9.84
C VAL B 483 13.47 27.49 -10.35
N GLU B 484 12.77 28.22 -9.48
CA GLU B 484 11.63 29.01 -9.91
C GLU B 484 11.94 30.49 -9.72
N GLY B 485 11.80 31.26 -10.80
CA GLY B 485 12.05 32.69 -10.79
C GLY B 485 11.36 33.38 -11.95
N PHE B 486 12.02 34.32 -12.59
CA PHE B 486 11.50 34.81 -13.85
C PHE B 486 11.55 33.68 -14.88
N ASN B 487 10.57 33.66 -15.77
CA ASN B 487 10.47 32.63 -16.80
C ASN B 487 10.35 31.26 -16.17
N CYS B 488 10.10 31.20 -14.87
CA CYS B 488 10.28 29.96 -14.10
C CYS B 488 9.31 30.01 -12.94
N TYR B 489 8.12 29.49 -13.14
CA TYR B 489 7.06 29.64 -12.15
C TYR B 489 6.34 28.32 -11.92
N PHE B 490 5.97 28.07 -10.68
CA PHE B 490 5.21 26.89 -10.34
C PHE B 490 3.87 26.93 -11.06
N PRO B 491 3.56 25.94 -11.89
CA PRO B 491 2.40 26.05 -12.78
C PRO B 491 1.06 26.12 -12.08
N LEU B 492 0.93 25.67 -10.83
CA LEU B 492 -0.36 25.60 -10.17
C LEU B 492 -0.45 26.71 -9.13
N GLN B 493 -1.53 27.47 -9.18
CA GLN B 493 -1.83 28.46 -8.15
C GLN B 493 -3.23 28.19 -7.62
N SER B 494 -3.51 28.72 -6.44
CA SER B 494 -4.72 28.36 -5.73
C SER B 494 -5.85 29.34 -6.05
N TYR B 495 -6.98 29.13 -5.38
CA TYR B 495 -8.09 30.07 -5.41
C TYR B 495 -8.12 30.91 -4.13
N GLY B 496 -8.19 30.25 -2.98
CA GLY B 496 -8.29 30.96 -1.73
C GLY B 496 -9.70 31.48 -1.53
N PHE B 497 -10.64 30.56 -1.37
CA PHE B 497 -12.05 30.93 -1.27
C PHE B 497 -12.28 31.54 0.11
N GLN B 498 -11.90 32.79 0.24
CA GLN B 498 -12.14 33.52 1.48
C GLN B 498 -13.62 33.65 1.74
N PRO B 499 -14.04 33.59 3.01
CA PRO B 499 -15.48 33.70 3.30
C PRO B 499 -16.07 35.01 2.87
N THR B 500 -15.29 36.09 2.91
CA THR B 500 -15.74 37.42 2.56
C THR B 500 -15.66 37.67 1.07
N ASN B 501 -15.62 36.62 0.26
CA ASN B 501 -15.48 36.77 -1.18
C ASN B 501 -16.69 37.45 -1.78
N GLY B 502 -16.51 37.96 -2.99
CA GLY B 502 -17.63 38.46 -3.77
C GLY B 502 -18.41 37.32 -4.41
N VAL B 503 -19.54 37.70 -5.01
CA VAL B 503 -20.41 36.70 -5.61
C VAL B 503 -19.69 35.97 -6.72
N GLY B 504 -18.98 36.68 -7.57
CA GLY B 504 -18.29 36.01 -8.66
C GLY B 504 -17.13 35.15 -8.22
N TYR B 505 -16.76 35.20 -6.94
CA TYR B 505 -15.62 34.45 -6.44
C TYR B 505 -16.02 33.16 -5.76
N GLN B 506 -17.31 32.81 -5.77
CA GLN B 506 -17.79 31.69 -4.96
C GLN B 506 -17.39 30.34 -5.54
N PRO B 507 -17.13 29.36 -4.68
CA PRO B 507 -16.70 28.05 -5.17
C PRO B 507 -17.83 27.20 -5.67
N TYR B 508 -17.96 27.09 -6.98
CA TYR B 508 -18.84 26.09 -7.55
C TYR B 508 -18.11 24.76 -7.60
N ARG B 509 -18.65 23.81 -6.86
CA ARG B 509 -18.37 22.41 -7.08
C ARG B 509 -18.98 22.01 -8.41
N VAL B 510 -18.20 21.36 -9.25
CA VAL B 510 -18.58 21.06 -10.62
C VAL B 510 -18.46 19.57 -10.86
N VAL B 511 -19.49 18.98 -11.46
CA VAL B 511 -19.51 17.57 -11.82
C VAL B 511 -19.89 17.49 -13.28
N VAL B 512 -19.02 16.90 -14.07
CA VAL B 512 -19.22 16.84 -15.51
C VAL B 512 -19.53 15.39 -15.87
N LEU B 513 -20.79 15.12 -16.15
CA LEU B 513 -21.25 13.78 -16.47
C LEU B 513 -21.11 13.57 -17.96
N SER B 514 -19.99 13.00 -18.39
CA SER B 514 -19.82 12.69 -19.79
C SER B 514 -20.39 11.31 -20.07
N PHE B 515 -21.43 11.26 -20.90
CA PHE B 515 -22.18 10.05 -21.17
C PHE B 515 -21.56 9.35 -22.36
N GLU B 516 -20.75 8.32 -22.11
CA GLU B 516 -20.01 7.70 -23.23
C GLU B 516 -20.76 6.47 -23.74
N LEU B 517 -20.88 6.33 -25.06
CA LEU B 517 -21.52 5.11 -25.65
C LEU B 517 -20.57 4.61 -26.73
N LEU B 518 -19.46 3.99 -26.34
CA LEU B 518 -18.43 3.53 -27.33
C LEU B 518 -18.99 2.36 -28.16
N HIS B 519 -18.98 1.14 -27.59
CA HIS B 519 -19.45 -0.06 -28.32
C HIS B 519 -19.73 -1.16 -27.30
N ALA B 520 -19.59 -0.84 -26.01
CA ALA B 520 -19.77 -1.86 -24.94
C ALA B 520 -21.26 -1.95 -24.54
N PRO B 521 -21.74 -2.93 -23.71
CA PRO B 521 -23.14 -2.88 -23.27
C PRO B 521 -23.45 -1.55 -22.61
N ALA B 522 -24.65 -1.04 -22.89
CA ALA B 522 -25.14 0.14 -22.19
C ALA B 522 -25.67 -0.28 -20.83
N THR B 523 -25.09 0.26 -19.76
CA THR B 523 -25.42 -0.19 -18.42
C THR B 523 -26.00 0.88 -17.52
N VAL B 524 -25.59 2.14 -17.64
CA VAL B 524 -26.08 3.21 -16.77
C VAL B 524 -27.40 3.68 -17.38
N CYS B 525 -28.48 3.00 -17.03
CA CYS B 525 -29.79 3.28 -17.60
C CYS B 525 -30.57 4.22 -16.69
N GLY B 526 -31.74 4.63 -17.17
CA GLY B 526 -32.62 5.49 -16.42
C GLY B 526 -33.64 4.67 -15.66
N PRO B 527 -34.54 5.35 -14.94
CA PRO B 527 -35.58 4.63 -14.19
C PRO B 527 -36.53 3.93 -15.14
N LYS B 528 -37.03 2.78 -14.69
CA LYS B 528 -37.95 1.97 -15.48
C LYS B 528 -37.35 1.61 -16.84
N GLU C 1 2.03 -8.96 -1.57
CA GLU C 1 1.05 -8.72 -0.52
C GLU C 1 0.45 -7.33 -0.68
N VAL C 2 -0.43 -6.94 0.23
CA VAL C 2 -1.03 -5.62 0.15
C VAL C 2 0.01 -4.61 0.60
N GLN C 3 0.74 -4.06 -0.35
CA GLN C 3 2.07 -3.54 -0.14
C GLN C 3 2.19 -2.16 -0.77
N LEU C 4 3.12 -1.39 -0.25
CA LEU C 4 3.43 -0.06 -0.76
C LEU C 4 4.91 0.03 -1.05
N VAL C 5 5.25 0.67 -2.15
CA VAL C 5 6.64 0.92 -2.50
C VAL C 5 6.77 2.35 -3.00
N GLU C 6 7.70 3.09 -2.40
CA GLU C 6 7.88 4.50 -2.72
C GLU C 6 9.30 4.72 -3.20
N SER C 7 9.50 5.81 -3.94
CA SER C 7 10.78 6.02 -4.58
C SER C 7 11.05 7.52 -4.65
N GLY C 8 12.02 7.90 -5.47
CA GLY C 8 12.40 9.29 -5.59
C GLY C 8 13.01 9.86 -4.34
N GLY C 9 13.84 9.10 -3.64
CA GLY C 9 14.35 9.57 -2.38
C GLY C 9 15.85 9.47 -2.20
N GLY C 10 16.46 10.58 -1.82
CA GLY C 10 17.90 10.60 -1.64
C GLY C 10 18.36 12.00 -1.31
N LEU C 11 19.67 12.21 -1.47
CA LEU C 11 20.25 13.50 -1.17
C LEU C 11 19.63 14.58 -2.03
N VAL C 12 19.19 15.66 -1.41
CA VAL C 12 18.62 16.78 -2.12
C VAL C 12 19.08 18.07 -1.46
N GLN C 13 19.49 19.02 -2.28
CA GLN C 13 19.95 20.31 -1.78
C GLN C 13 18.80 21.03 -1.08
N PRO C 14 19.10 21.97 -0.19
CA PRO C 14 18.03 22.63 0.56
C PRO C 14 17.22 23.54 -0.34
N GLY C 15 15.91 23.32 -0.36
CA GLY C 15 15.02 24.07 -1.21
C GLY C 15 14.80 23.48 -2.58
N ARG C 16 15.69 22.59 -3.02
CA ARG C 16 15.50 21.91 -4.28
C ARG C 16 14.27 21.03 -4.24
N SER C 17 13.52 21.03 -5.34
CA SER C 17 12.28 20.28 -5.39
C SER C 17 12.56 18.78 -5.37
N LEU C 18 11.49 18.01 -5.18
CA LEU C 18 11.53 16.56 -5.36
C LEU C 18 10.12 16.01 -5.39
N ARG C 19 9.94 14.93 -6.14
CA ARG C 19 8.64 14.29 -6.31
C ARG C 19 8.75 12.83 -5.89
N LEU C 20 7.93 12.42 -4.95
CA LEU C 20 7.94 11.04 -4.50
C LEU C 20 7.09 10.18 -5.42
N SER C 21 6.75 9.01 -4.94
CA SER C 21 5.79 8.12 -5.56
C SER C 21 5.35 7.13 -4.51
N CYS C 22 4.25 6.44 -4.77
CA CYS C 22 3.88 5.34 -3.88
C CYS C 22 3.04 4.37 -4.71
N ALA C 23 3.70 3.44 -5.39
CA ALA C 23 2.98 2.56 -6.31
C ALA C 23 2.28 1.48 -5.49
N ALA C 24 1.25 1.89 -4.78
CA ALA C 24 0.51 1.01 -3.89
C ALA C 24 0.06 -0.24 -4.61
N SER C 25 -0.24 -1.29 -3.85
CA SER C 25 -0.70 -2.53 -4.45
C SER C 25 -1.85 -3.12 -3.65
N GLY C 26 -2.52 -4.09 -4.25
CA GLY C 26 -3.47 -4.89 -3.52
C GLY C 26 -4.80 -4.21 -3.25
N PHE C 27 -4.80 -3.27 -2.32
CA PHE C 27 -6.04 -2.62 -1.94
C PHE C 27 -6.53 -1.71 -3.05
N THR C 28 -7.83 -1.44 -3.05
CA THR C 28 -8.42 -0.61 -4.10
C THR C 28 -7.96 0.81 -3.86
N PHE C 29 -6.73 1.09 -4.29
CA PHE C 29 -6.06 2.37 -4.14
C PHE C 29 -6.93 3.51 -4.62
N ASP C 30 -7.98 3.16 -5.35
CA ASP C 30 -8.95 4.10 -5.87
C ASP C 30 -9.94 4.56 -4.80
N ASP C 31 -9.82 4.02 -3.59
CA ASP C 31 -10.79 4.26 -2.52
C ASP C 31 -10.19 4.95 -1.31
N TYR C 32 -9.14 4.39 -0.72
CA TYR C 32 -8.65 4.88 0.56
C TYR C 32 -7.82 6.14 0.38
N ALA C 33 -7.89 7.01 1.37
CA ALA C 33 -7.31 8.34 1.28
C ALA C 33 -5.88 8.30 1.77
N MET C 34 -4.92 8.50 0.87
CA MET C 34 -3.54 8.32 1.25
C MET C 34 -3.08 9.43 2.18
N HIS C 35 -1.90 9.26 2.74
CA HIS C 35 -1.23 10.30 3.51
C HIS C 35 0.26 10.06 3.46
N TRP C 36 1.02 11.14 3.32
CA TRP C 36 2.46 11.11 3.48
C TRP C 36 2.79 11.53 4.89
N VAL C 37 3.40 10.62 5.64
CA VAL C 37 3.72 10.83 7.04
C VAL C 37 5.22 10.64 7.21
N ARG C 38 5.90 11.69 7.68
CA ARG C 38 7.38 11.64 7.76
C ARG C 38 7.87 11.45 9.20
N GLN C 39 8.75 10.46 9.39
CA GLN C 39 9.39 10.19 10.67
C GLN C 39 10.77 10.81 10.63
N ALA C 40 11.09 11.57 11.65
CA ALA C 40 12.40 12.21 11.68
C ALA C 40 13.45 11.12 11.84
N PRO C 41 14.74 11.44 11.88
CA PRO C 41 15.70 10.41 12.25
C PRO C 41 15.54 10.02 13.71
N GLY C 42 14.98 8.84 13.95
CA GLY C 42 14.83 8.34 15.30
C GLY C 42 13.64 8.88 16.05
N LYS C 43 13.24 10.11 15.77
CA LYS C 43 12.20 10.78 16.53
C LYS C 43 10.84 10.21 16.14
N GLY C 44 9.79 10.90 16.49
CA GLY C 44 8.46 10.36 16.30
C GLY C 44 7.97 10.42 14.86
N LEU C 45 6.80 9.82 14.65
CA LEU C 45 6.08 10.00 13.42
C LEU C 45 5.45 11.39 13.39
N GLU C 46 5.00 11.80 12.21
CA GLU C 46 4.38 13.11 12.05
C GLU C 46 3.68 13.22 10.71
N TRP C 47 2.40 13.58 10.73
CA TRP C 47 1.63 13.72 9.51
C TRP C 47 2.14 14.90 8.70
N VAL C 48 2.35 14.70 7.41
CA VAL C 48 2.68 15.82 6.55
C VAL C 48 1.45 16.17 5.76
N SER C 49 0.98 15.24 4.94
CA SER C 49 -0.15 15.56 4.08
C SER C 49 -1.04 14.36 3.88
N GLY C 50 -2.23 14.63 3.38
CA GLY C 50 -3.15 13.58 3.04
C GLY C 50 -3.81 13.90 1.72
N ILE C 51 -4.61 12.95 1.25
CA ILE C 51 -5.36 13.17 0.04
C ILE C 51 -6.53 12.20 0.00
N SER C 52 -7.70 12.73 -0.30
CA SER C 52 -8.91 11.95 -0.23
C SER C 52 -8.96 10.96 -1.38
N TRP C 53 -10.09 10.26 -1.47
CA TRP C 53 -10.29 9.34 -2.58
C TRP C 53 -10.36 10.08 -3.89
N ASN C 54 -10.86 11.31 -3.89
CA ASN C 54 -10.84 12.15 -5.07
C ASN C 54 -9.62 13.08 -5.09
N SER C 55 -9.53 14.00 -4.12
CA SER C 55 -8.29 14.72 -3.86
C SER C 55 -8.53 15.72 -2.73
N GLY C 56 -7.44 16.27 -2.21
CA GLY C 56 -7.52 17.51 -1.45
C GLY C 56 -7.73 17.33 0.04
N ILE C 57 -6.66 17.49 0.83
CA ILE C 57 -6.75 17.62 2.28
C ILE C 57 -5.65 18.58 2.69
N GLY C 58 -5.76 19.11 3.90
CA GLY C 58 -4.73 20.00 4.41
C GLY C 58 -3.44 19.28 4.68
N TYR C 59 -2.41 20.06 4.97
CA TYR C 59 -1.07 19.55 5.22
C TYR C 59 -0.68 19.92 6.66
N ALA C 60 0.58 19.65 7.02
CA ALA C 60 1.07 20.22 8.26
C ALA C 60 1.21 21.72 8.11
N ASP C 61 1.36 22.40 9.24
CA ASP C 61 1.24 23.86 9.22
C ASP C 61 2.38 24.51 8.43
N SER C 62 3.61 24.14 8.73
CA SER C 62 4.75 24.75 8.06
C SER C 62 5.08 24.12 6.73
N VAL C 63 4.18 23.31 6.17
CA VAL C 63 4.48 22.60 4.93
C VAL C 63 3.46 22.88 3.85
N LYS C 64 2.46 23.70 4.10
CA LYS C 64 1.43 23.96 3.10
C LYS C 64 2.01 24.77 1.95
N GLY C 65 1.52 24.49 0.76
CA GLY C 65 1.95 25.21 -0.43
C GLY C 65 3.30 24.73 -0.93
N ARG C 66 4.31 24.82 -0.08
CA ARG C 66 5.63 24.35 -0.44
C ARG C 66 5.63 22.86 -0.77
N PHE C 67 4.62 22.14 -0.32
CA PHE C 67 4.39 20.77 -0.72
C PHE C 67 3.15 20.73 -1.60
N THR C 68 2.95 19.61 -2.28
CA THR C 68 1.74 19.45 -3.06
C THR C 68 1.48 17.97 -3.26
N ILE C 69 0.46 17.45 -2.61
CA ILE C 69 0.09 16.06 -2.83
C ILE C 69 -0.61 16.00 -4.16
N SER C 70 -0.86 14.79 -4.64
CA SER C 70 -1.64 14.49 -5.83
C SER C 70 -1.60 12.99 -5.98
N ARG C 71 -2.49 12.46 -6.79
CA ARG C 71 -2.46 11.05 -7.05
C ARG C 71 -2.99 10.82 -8.45
N ASP C 72 -3.13 9.55 -8.82
CA ASP C 72 -3.76 9.21 -10.08
C ASP C 72 -4.32 7.79 -9.95
N ASN C 73 -5.59 7.72 -9.61
CA ASN C 73 -6.26 6.44 -9.46
C ASN C 73 -6.17 5.60 -10.72
N ALA C 74 -6.06 6.24 -11.87
CA ALA C 74 -5.97 5.49 -13.12
C ALA C 74 -4.63 4.82 -13.31
N LYS C 75 -3.67 5.10 -12.44
CA LYS C 75 -2.36 4.50 -12.56
C LYS C 75 -1.89 3.75 -11.31
N ASN C 76 -2.50 3.99 -10.15
CA ASN C 76 -2.04 3.44 -8.88
C ASN C 76 -0.66 3.98 -8.49
N SER C 77 -0.58 5.29 -8.28
CA SER C 77 0.67 5.87 -7.81
C SER C 77 0.41 7.23 -7.17
N LEU C 78 0.30 7.26 -5.85
CA LEU C 78 0.25 8.54 -5.17
C LEU C 78 1.56 9.29 -5.41
N TYR C 79 1.52 10.60 -5.25
CA TYR C 79 2.59 11.51 -5.57
C TYR C 79 2.88 12.38 -4.35
N LEU C 80 3.97 13.14 -4.40
CA LEU C 80 4.14 14.25 -3.47
C LEU C 80 5.22 15.17 -4.04
N GLN C 81 4.80 16.26 -4.67
CA GLN C 81 5.77 17.21 -5.22
C GLN C 81 6.21 18.15 -4.12
N MET C 82 7.45 18.04 -3.70
CA MET C 82 7.94 18.84 -2.60
C MET C 82 8.82 19.97 -3.13
N ASN C 83 8.60 21.16 -2.61
CA ASN C 83 9.31 22.34 -3.09
C ASN C 83 9.81 23.14 -1.90
N SER C 84 10.92 23.84 -2.11
CA SER C 84 11.57 24.65 -1.08
C SER C 84 11.78 23.84 0.20
N LEU C 85 12.43 22.70 0.06
CA LEU C 85 12.68 21.83 1.19
C LEU C 85 13.57 22.53 2.21
N ARG C 86 13.07 22.67 3.43
CA ARG C 86 13.81 23.34 4.49
C ARG C 86 14.73 22.34 5.17
N ALA C 87 15.32 22.76 6.29
CA ALA C 87 16.18 21.86 7.05
C ALA C 87 15.38 20.72 7.68
N GLU C 88 14.18 21.01 8.17
CA GLU C 88 13.46 20.02 8.95
C GLU C 88 12.87 18.91 8.11
N ASP C 89 12.66 19.12 6.81
CA ASP C 89 12.04 18.06 6.04
C ASP C 89 12.93 16.85 5.84
N THR C 90 14.20 16.93 6.22
CA THR C 90 15.03 15.74 6.27
C THR C 90 14.35 14.71 7.15
N ALA C 91 13.92 13.62 6.55
CA ALA C 91 13.17 12.61 7.30
C ALA C 91 12.97 11.42 6.39
N LEU C 92 12.32 10.41 6.92
CA LEU C 92 11.93 9.23 6.16
C LEU C 92 10.44 9.32 5.92
N TYR C 93 10.02 9.41 4.66
CA TYR C 93 8.61 9.61 4.35
C TYR C 93 7.96 8.27 4.05
N TYR C 94 6.86 8.00 4.75
CA TYR C 94 6.08 6.79 4.61
C TYR C 94 4.79 7.14 3.89
N CYS C 95 4.51 6.41 2.83
CA CYS C 95 3.15 6.40 2.31
C CYS C 95 2.27 5.69 3.33
N ALA C 96 1.00 6.06 3.39
CA ALA C 96 0.11 5.40 4.33
C ALA C 96 -1.30 5.49 3.79
N LYS C 97 -2.14 4.54 4.14
CA LYS C 97 -3.52 4.58 3.67
C LYS C 97 -4.43 4.71 4.87
N GLY C 98 -5.39 5.63 4.78
CA GLY C 98 -6.30 5.85 5.88
C GLY C 98 -7.03 4.58 6.26
N ARG C 99 -7.39 4.49 7.52
CA ARG C 99 -8.04 3.28 8.03
C ARG C 99 -9.37 3.00 7.34
N PRO C 100 -10.32 3.92 7.21
CA PRO C 100 -11.68 3.55 6.84
C PRO C 100 -11.93 3.65 5.34
N LEU C 101 -13.02 3.02 4.91
CA LEU C 101 -13.43 3.02 3.51
C LEU C 101 -13.93 4.38 3.09
N ASP C 102 -13.03 5.23 2.59
CA ASP C 102 -13.35 6.61 2.27
C ASP C 102 -13.81 6.74 0.82
N ARG C 103 -14.41 5.68 0.27
CA ARG C 103 -15.11 5.76 -1.01
C ARG C 103 -16.49 6.29 -0.73
N GLY C 104 -16.72 7.55 -1.03
CA GLY C 104 -18.02 8.10 -0.72
C GLY C 104 -18.20 8.22 0.78
N ARG C 105 -17.46 9.14 1.38
CA ARG C 105 -17.67 9.46 2.77
C ARG C 105 -18.99 10.22 2.93
N SER C 106 -19.44 10.34 4.17
CA SER C 106 -20.65 11.08 4.46
C SER C 106 -20.54 12.52 3.97
N TRP C 107 -21.62 13.01 3.37
CA TRP C 107 -21.72 14.41 3.02
C TRP C 107 -21.58 15.29 4.25
N TYR C 108 -22.53 15.14 5.18
CA TYR C 108 -22.76 16.06 6.28
C TYR C 108 -23.06 15.20 7.49
N ASP C 109 -22.01 14.79 8.19
CA ASP C 109 -22.08 14.09 9.46
C ASP C 109 -20.85 14.48 10.25
N GLU C 110 -21.03 14.90 11.49
CA GLU C 110 -19.92 15.47 12.24
C GLU C 110 -18.93 14.40 12.66
N ILE C 111 -17.95 14.11 11.80
CA ILE C 111 -17.03 13.03 12.12
C ILE C 111 -15.57 13.47 12.13
N GLN C 112 -15.02 13.81 10.97
CA GLN C 112 -13.60 14.12 10.83
C GLN C 112 -12.71 13.06 11.50
N GLN C 113 -12.80 11.83 10.99
CA GLN C 113 -11.99 10.72 11.49
C GLN C 113 -10.54 11.10 11.73
N GLY C 114 -9.94 10.46 12.72
CA GLY C 114 -8.50 10.44 12.93
C GLY C 114 -7.96 9.19 13.60
N ASP C 115 -8.63 8.06 13.44
CA ASP C 115 -8.04 6.76 13.77
C ASP C 115 -7.68 6.06 12.45
N ASP C 116 -6.60 6.50 11.81
CA ASP C 116 -6.27 5.94 10.47
C ASP C 116 -4.80 5.52 10.35
N PHE C 117 -4.34 5.38 9.10
CA PHE C 117 -2.98 4.94 8.74
C PHE C 117 -2.73 3.47 9.05
N ASP C 118 -3.45 2.59 8.37
CA ASP C 118 -3.17 1.17 8.53
C ASP C 118 -1.78 0.80 8.00
N ILE C 119 -1.61 0.76 6.69
CA ILE C 119 -0.43 0.15 6.09
C ILE C 119 0.57 1.22 5.73
N TRP C 120 1.80 1.07 6.18
CA TRP C 120 2.87 2.03 5.94
C TRP C 120 3.86 1.47 4.95
N GLY C 121 4.18 2.25 3.95
CA GLY C 121 5.20 1.85 3.02
C GLY C 121 6.55 1.79 3.67
N GLN C 122 7.49 1.20 2.95
CA GLN C 122 8.82 1.02 3.50
C GLN C 122 9.50 2.34 3.83
N GLY C 123 9.14 3.40 3.14
CA GLY C 123 9.67 4.70 3.49
C GLY C 123 10.87 5.07 2.67
N THR C 124 10.84 6.22 2.04
CA THR C 124 11.88 6.63 1.10
C THR C 124 12.68 7.77 1.70
N MET C 125 13.85 7.45 2.23
CA MET C 125 14.57 8.42 3.03
C MET C 125 14.90 9.66 2.21
N VAL C 126 14.96 10.80 2.89
CA VAL C 126 15.15 12.09 2.25
C VAL C 126 16.02 12.95 3.14
N THR C 127 17.06 13.54 2.57
CA THR C 127 17.95 14.40 3.33
C THR C 127 17.87 15.82 2.82
N VAL C 128 18.49 16.72 3.57
CA VAL C 128 18.65 18.10 3.15
C VAL C 128 20.07 18.51 3.51
N SER C 129 20.96 18.54 2.53
CA SER C 129 22.38 18.76 2.79
C SER C 129 22.93 19.87 1.90
N SER C 130 24.01 20.47 2.38
CA SER C 130 24.75 21.46 1.61
C SER C 130 26.21 21.09 1.40
N ALA C 131 26.63 19.90 1.80
CA ALA C 131 27.93 19.34 1.46
C ALA C 131 27.74 18.00 0.75
N SER C 132 28.75 17.58 0.00
CA SER C 132 28.60 16.42 -0.86
C SER C 132 29.05 15.14 -0.16
N THR C 133 28.75 14.02 -0.81
CA THR C 133 29.12 12.71 -0.29
C THR C 133 30.62 12.64 -0.07
N LYS C 134 31.02 12.14 1.10
CA LYS C 134 32.42 12.06 1.45
C LYS C 134 32.70 10.77 2.21
N GLY C 135 33.75 10.06 1.81
CA GLY C 135 34.18 8.89 2.52
C GLY C 135 34.83 9.22 3.84
N PRO C 136 34.73 8.31 4.81
CA PRO C 136 35.14 8.64 6.18
C PRO C 136 36.63 8.75 6.33
N SER C 137 37.06 9.70 7.15
CA SER C 137 38.45 9.73 7.62
C SER C 137 38.52 8.81 8.83
N VAL C 138 38.65 7.51 8.54
CA VAL C 138 38.62 6.52 9.60
C VAL C 138 39.90 6.60 10.41
N PHE C 139 39.77 6.43 11.72
CA PHE C 139 40.90 6.41 12.63
C PHE C 139 40.72 5.26 13.60
N PRO C 140 41.81 4.69 14.12
CA PRO C 140 41.70 3.60 15.08
C PRO C 140 41.72 4.09 16.52
N LEU C 141 41.41 3.16 17.42
CA LEU C 141 41.22 3.42 18.85
C LEU C 141 42.09 2.43 19.61
N ALA C 142 43.34 2.84 19.84
CA ALA C 142 44.37 2.00 20.44
C ALA C 142 44.16 1.89 21.94
N PRO C 143 44.22 0.68 22.52
CA PRO C 143 44.04 0.44 23.95
C PRO C 143 45.33 0.61 24.74
N THR C 152 38.64 -8.56 27.99
CA THR C 152 38.74 -7.88 29.27
C THR C 152 38.94 -6.40 29.05
N ALA C 153 39.72 -6.05 28.03
CA ALA C 153 39.95 -4.67 27.66
C ALA C 153 39.59 -4.47 26.20
N ALA C 154 39.11 -3.27 25.88
CA ALA C 154 38.52 -3.02 24.57
C ALA C 154 39.30 -1.97 23.79
N LEU C 155 39.14 -2.05 22.49
CA LEU C 155 39.77 -1.15 21.53
C LEU C 155 38.83 -1.03 20.35
N GLY C 156 39.02 0.02 19.56
CA GLY C 156 38.03 0.22 18.52
C GLY C 156 38.50 0.88 17.25
N CYS C 157 37.54 1.36 16.47
CA CYS C 157 37.80 2.06 15.23
C CYS C 157 36.76 3.15 15.13
N LEU C 158 37.19 4.40 15.27
CA LEU C 158 36.36 5.57 15.03
C LEU C 158 36.29 5.86 13.54
N VAL C 159 35.15 6.34 13.08
CA VAL C 159 34.96 6.73 11.69
C VAL C 159 34.39 8.14 11.70
N LYS C 160 35.24 9.12 11.43
CA LYS C 160 34.88 10.52 11.59
C LYS C 160 34.68 11.16 10.23
N ASP C 161 33.62 11.95 10.12
CA ASP C 161 33.34 12.81 8.98
C ASP C 161 33.04 12.00 7.72
N TYR C 162 32.12 11.05 7.83
CA TYR C 162 31.61 10.38 6.64
C TYR C 162 30.29 11.01 6.26
N PHE C 163 29.88 10.80 5.01
CA PHE C 163 28.67 11.46 4.54
C PHE C 163 28.26 10.97 3.17
N PRO C 164 26.96 10.80 2.90
CA PRO C 164 25.91 10.68 3.91
C PRO C 164 25.62 9.22 4.15
N GLU C 165 24.83 8.93 5.17
CA GLU C 165 24.57 7.59 5.69
C GLU C 165 24.31 6.62 4.54
N PRO C 166 24.71 5.34 4.64
CA PRO C 166 25.37 4.62 5.73
C PRO C 166 26.86 4.37 5.54
N VAL C 167 27.45 3.71 6.53
CA VAL C 167 28.76 3.07 6.42
C VAL C 167 28.68 1.72 7.10
N THR C 168 29.36 0.73 6.54
CA THR C 168 29.43 -0.58 7.18
C THR C 168 30.86 -0.80 7.66
N VAL C 169 31.00 -1.04 8.96
CA VAL C 169 32.29 -1.30 9.58
C VAL C 169 32.34 -2.78 9.91
N SER C 170 33.53 -3.35 9.78
CA SER C 170 33.73 -4.75 10.11
C SER C 170 35.12 -4.91 10.72
N TRP C 171 35.32 -6.01 11.42
CA TRP C 171 36.57 -6.27 12.12
C TRP C 171 37.24 -7.51 11.55
N ASN C 172 38.50 -7.34 11.15
CA ASN C 172 39.28 -8.42 10.55
C ASN C 172 38.49 -9.06 9.41
N SER C 173 37.83 -8.23 8.62
CA SER C 173 36.92 -8.68 7.58
C SER C 173 35.81 -9.55 8.18
N GLY C 174 35.20 -9.04 9.24
CA GLY C 174 34.09 -9.77 9.84
C GLY C 174 34.49 -11.04 10.55
N ALA C 175 35.74 -11.14 10.97
CA ALA C 175 36.19 -12.35 11.64
C ALA C 175 35.49 -12.54 12.97
N LEU C 176 35.47 -11.51 13.80
CA LEU C 176 35.02 -11.61 15.18
C LEU C 176 33.76 -10.77 15.38
N THR C 177 32.63 -11.45 15.58
CA THR C 177 31.36 -10.80 15.87
C THR C 177 31.09 -10.71 17.36
N SER C 178 32.13 -10.83 18.19
CA SER C 178 32.02 -10.74 19.64
C SER C 178 32.68 -9.45 20.12
N GLY C 179 32.09 -8.83 21.14
CA GLY C 179 32.50 -7.49 21.48
C GLY C 179 32.06 -6.47 20.46
N VAL C 180 31.32 -6.89 19.44
CA VAL C 180 30.89 -5.98 18.40
C VAL C 180 30.05 -4.85 18.98
N HIS C 181 30.22 -3.66 18.42
CA HIS C 181 29.47 -2.51 18.90
C HIS C 181 29.27 -1.54 17.74
N THR C 182 28.04 -1.47 17.26
CA THR C 182 27.71 -0.59 16.14
C THR C 182 27.13 0.71 16.67
N PHE C 183 28.02 1.51 17.26
CA PHE C 183 27.66 2.83 17.80
C PHE C 183 27.05 3.70 16.71
N PRO C 184 25.75 3.98 16.79
CA PRO C 184 25.07 4.65 15.68
C PRO C 184 25.58 6.06 15.46
N ALA C 185 25.49 6.50 14.21
CA ALA C 185 26.04 7.77 13.79
C ALA C 185 25.29 8.93 14.40
N VAL C 186 25.98 10.05 14.51
CA VAL C 186 25.38 11.31 14.93
C VAL C 186 25.70 12.36 13.90
N LEU C 187 24.69 13.12 13.48
CA LEU C 187 24.94 14.28 12.65
C LEU C 187 25.71 15.31 13.44
N GLN C 188 26.90 15.66 12.97
CA GLN C 188 27.64 16.72 13.60
C GLN C 188 26.88 18.02 13.47
N SER C 189 27.10 18.91 14.45
CA SER C 189 26.54 20.25 14.34
C SER C 189 26.99 20.91 13.04
N SER C 190 28.20 20.58 12.59
CA SER C 190 28.75 21.12 11.37
C SER C 190 27.99 20.61 10.15
N GLY C 191 27.05 19.71 10.37
CA GLY C 191 26.26 19.12 9.29
C GLY C 191 26.79 17.82 8.74
N LEU C 192 27.67 17.15 9.46
CA LEU C 192 28.38 15.97 8.96
C LEU C 192 28.11 14.78 9.87
N TYR C 193 28.32 13.58 9.35
CA TYR C 193 28.15 12.35 10.12
C TYR C 193 29.48 11.85 10.68
N SER C 194 29.38 10.92 11.63
CA SER C 194 30.50 10.23 12.24
C SER C 194 29.95 9.21 13.22
N LEU C 195 30.73 8.19 13.51
CA LEU C 195 30.38 7.22 14.52
C LEU C 195 31.64 6.46 14.91
N SER C 196 31.47 5.37 15.64
CA SER C 196 32.61 4.51 15.92
C SER C 196 32.11 3.10 16.16
N SER C 197 33.05 2.17 16.25
CA SER C 197 32.73 0.83 16.69
C SER C 197 33.87 0.36 17.57
N VAL C 198 33.59 -0.60 18.45
CA VAL C 198 34.58 -1.06 19.41
C VAL C 198 34.36 -2.53 19.70
N VAL C 199 35.40 -3.19 20.22
CA VAL C 199 35.35 -4.59 20.58
C VAL C 199 36.25 -4.82 21.79
N THR C 200 35.78 -5.67 22.70
CA THR C 200 36.55 -6.10 23.86
C THR C 200 37.24 -7.43 23.57
N VAL C 201 38.54 -7.48 23.83
CA VAL C 201 39.30 -8.73 23.81
C VAL C 201 40.02 -8.85 25.13
N PRO C 202 40.36 -10.06 25.55
CA PRO C 202 41.11 -10.21 26.79
C PRO C 202 42.41 -9.41 26.75
N SER C 203 42.71 -8.74 27.86
CA SER C 203 43.98 -8.05 27.95
C SER C 203 45.14 -8.99 27.79
N SER C 204 44.92 -10.29 28.02
CA SER C 204 45.90 -11.29 27.64
C SER C 204 46.12 -11.34 26.14
N SER C 205 45.12 -10.94 25.35
CA SER C 205 45.25 -10.87 23.90
C SER C 205 45.72 -9.51 23.43
N LEU C 206 46.31 -8.72 24.32
CA LEU C 206 46.73 -7.37 23.95
C LEU C 206 47.89 -7.41 22.97
N GLY C 207 49.07 -7.81 23.43
CA GLY C 207 50.24 -7.82 22.59
C GLY C 207 50.43 -9.07 21.78
N THR C 208 49.48 -9.98 21.85
CA THR C 208 49.59 -11.27 21.18
C THR C 208 48.97 -11.21 19.79
N GLN C 209 47.67 -10.93 19.71
CA GLN C 209 46.93 -10.89 18.46
C GLN C 209 46.52 -9.44 18.18
N THR C 210 46.72 -9.02 16.94
CA THR C 210 46.40 -7.69 16.48
C THR C 210 45.21 -7.74 15.52
N TYR C 211 44.33 -6.74 15.61
CA TYR C 211 43.05 -6.77 14.92
C TYR C 211 42.99 -5.73 13.81
N ILE C 212 42.00 -5.90 12.94
CA ILE C 212 41.85 -5.09 11.73
C ILE C 212 40.44 -4.51 11.72
N CYS C 213 40.35 -3.20 11.56
CA CYS C 213 39.08 -2.52 11.38
C CYS C 213 39.00 -2.02 9.94
N ASN C 214 37.89 -2.28 9.28
CA ASN C 214 37.71 -1.87 7.89
C ASN C 214 36.34 -1.27 7.72
N VAL C 215 36.22 -0.37 6.75
CA VAL C 215 34.97 0.34 6.49
C VAL C 215 34.71 0.31 5.00
N ASN C 216 33.45 0.11 4.61
CA ASN C 216 33.03 0.43 3.27
C ASN C 216 31.94 1.48 3.33
N HIS C 217 32.12 2.53 2.53
CA HIS C 217 31.28 3.73 2.54
C HIS C 217 30.33 3.64 1.36
N LYS C 218 29.26 2.90 1.57
CA LYS C 218 28.32 2.46 0.55
C LYS C 218 27.78 3.53 -0.39
N PRO C 219 27.56 4.79 0.05
CA PRO C 219 27.11 5.80 -0.91
C PRO C 219 28.08 6.03 -2.05
N SER C 220 29.38 5.91 -1.78
CA SER C 220 30.38 6.02 -2.83
C SER C 220 31.32 4.83 -2.87
N ASN C 221 31.28 3.95 -1.88
CA ASN C 221 32.18 2.81 -1.77
C ASN C 221 33.63 3.28 -1.77
N THR C 222 33.99 3.99 -0.71
CA THR C 222 35.38 4.38 -0.45
C THR C 222 35.93 3.44 0.61
N LYS C 223 36.25 2.23 0.17
CA LYS C 223 36.66 1.17 1.09
C LYS C 223 38.02 1.49 1.68
N VAL C 224 38.13 1.36 3.00
CA VAL C 224 39.40 1.57 3.71
C VAL C 224 39.59 0.43 4.70
N ASP C 225 40.85 0.09 4.95
CA ASP C 225 41.20 -0.93 5.93
C ASP C 225 42.32 -0.40 6.83
N LYS C 226 42.37 -0.91 8.06
CA LYS C 226 43.26 -0.39 9.07
C LYS C 226 43.60 -1.51 10.06
N ARG C 227 44.77 -1.41 10.66
CA ARG C 227 45.20 -2.33 11.71
C ARG C 227 45.32 -1.54 13.01
N VAL C 228 44.70 -2.06 14.07
CA VAL C 228 44.63 -1.35 15.35
C VAL C 228 45.60 -2.01 16.31
N GLU C 229 46.49 -1.21 16.89
CA GLU C 229 47.44 -1.66 17.91
C GLU C 229 47.63 -0.56 18.93
N PRO C 230 47.86 -0.92 20.19
CA PRO C 230 48.17 0.09 21.22
C PRO C 230 49.56 0.68 21.07
N ILE D 2 -5.95 18.78 17.98
CA ILE D 2 -5.06 19.40 19.01
C ILE D 2 -3.82 18.52 19.19
N GLN D 3 -3.33 18.41 20.43
CA GLN D 3 -2.13 17.56 20.73
C GLN D 3 -2.48 16.20 21.34
N MET D 4 -1.50 15.30 21.59
CA MET D 4 -1.82 14.01 22.17
C MET D 4 -0.53 13.41 22.69
N THR D 5 -0.31 13.51 24.00
CA THR D 5 0.98 13.25 24.64
C THR D 5 0.86 12.08 25.61
N GLN D 6 1.71 11.08 25.45
CA GLN D 6 1.70 9.96 26.40
C GLN D 6 2.12 10.44 27.78
N SER D 7 1.68 9.72 28.80
CA SER D 7 2.06 10.08 30.15
C SER D 7 3.42 9.52 30.56
N PRO D 8 3.79 8.27 30.24
CA PRO D 8 5.15 7.83 30.57
C PRO D 8 6.16 8.46 29.62
N VAL D 9 7.44 8.18 29.81
CA VAL D 9 8.45 8.72 28.90
C VAL D 9 9.25 7.53 28.36
N SER D 10 9.31 6.48 29.15
CA SER D 10 9.85 5.19 28.76
C SER D 10 9.54 4.24 29.91
N LEU D 11 9.81 2.96 29.69
CA LEU D 11 9.59 1.99 30.74
C LEU D 11 10.22 0.66 30.35
N SER D 12 10.77 -0.04 31.33
CA SER D 12 11.19 -1.42 31.16
C SER D 12 10.51 -2.25 32.23
N ALA D 13 10.03 -3.42 31.85
CA ALA D 13 9.35 -4.30 32.80
C ALA D 13 9.35 -5.71 32.23
N SER D 14 10.10 -6.61 32.86
CA SER D 14 10.53 -7.87 32.26
C SER D 14 9.38 -8.69 31.67
N VAL D 15 9.74 -9.63 30.80
CA VAL D 15 8.76 -10.44 30.09
C VAL D 15 7.77 -11.06 31.08
N GLY D 16 6.53 -11.21 30.62
CA GLY D 16 5.48 -11.74 31.46
C GLY D 16 4.91 -10.75 32.45
N ASP D 17 4.73 -9.50 32.04
CA ASP D 17 4.28 -8.44 32.93
C ASP D 17 3.13 -7.65 32.31
N ARG D 18 2.32 -7.06 33.17
CA ARG D 18 1.15 -6.28 32.79
C ARG D 18 1.43 -4.80 33.06
N VAL D 19 1.42 -4.00 31.99
CA VAL D 19 1.86 -2.62 32.03
C VAL D 19 0.90 -1.74 31.24
N THR D 20 0.89 -0.44 31.57
CA THR D 20 -0.01 0.53 30.98
C THR D 20 0.77 1.68 30.35
N ILE D 21 0.20 2.24 29.29
CA ILE D 21 0.71 3.44 28.63
C ILE D 21 -0.49 4.33 28.35
N THR D 22 -0.46 5.56 28.84
CA THR D 22 -1.61 6.45 28.72
C THR D 22 -1.23 7.73 27.99
N CYS D 23 -2.14 8.18 27.12
CA CYS D 23 -1.98 9.39 26.32
C CYS D 23 -3.10 10.34 26.69
N ARG D 24 -2.73 11.57 27.07
CA ARG D 24 -3.68 12.61 27.40
C ARG D 24 -3.59 13.73 26.36
N ALA D 25 -4.74 14.37 26.12
CA ALA D 25 -4.92 15.26 24.99
C ALA D 25 -4.67 16.72 25.38
N SER D 26 -4.98 17.61 24.46
CA SER D 26 -5.11 19.03 24.76
C SER D 26 -6.55 19.49 24.75
N GLN D 27 -7.46 18.58 24.42
CA GLN D 27 -8.93 18.89 24.36
C GLN D 27 -9.74 17.62 24.09
N SER D 28 -11.07 17.71 24.20
CA SER D 28 -11.96 16.53 23.97
C SER D 28 -11.77 16.03 22.54
N ILE D 29 -11.04 14.92 22.38
CA ILE D 29 -10.79 14.32 21.04
C ILE D 29 -11.78 13.17 20.80
N SER D 30 -13.06 13.43 21.09
CA SER D 30 -14.13 12.40 20.91
C SER D 30 -13.71 11.09 21.57
N SER D 31 -13.43 10.07 20.77
CA SER D 31 -13.02 8.74 21.30
C SER D 31 -12.39 7.90 20.17
N TRP D 32 -11.84 8.55 19.14
CA TRP D 32 -11.21 7.82 18.05
C TRP D 32 -9.73 7.88 18.26
N LEU D 33 -9.08 6.72 18.28
CA LEU D 33 -7.65 6.66 18.46
C LEU D 33 -7.11 5.33 17.97
N ALA D 34 -5.86 5.35 17.52
CA ALA D 34 -5.13 4.18 17.09
C ALA D 34 -3.78 4.18 17.78
N TRP D 35 -3.20 2.99 17.92
CA TRP D 35 -2.00 2.79 18.72
C TRP D 35 -0.94 2.14 17.85
N TYR D 36 0.26 2.70 17.86
CA TYR D 36 1.33 2.22 16.97
C TYR D 36 2.51 1.70 17.77
N GLN D 37 2.95 0.48 17.46
CA GLN D 37 4.22 -0.04 17.93
C GLN D 37 5.18 -0.06 16.75
N GLN D 38 6.36 0.53 16.95
CA GLN D 38 7.27 0.81 15.86
C GLN D 38 8.66 0.28 16.20
N LYS D 39 8.97 -0.93 15.78
CA LYS D 39 10.27 -1.48 16.09
C LYS D 39 11.36 -0.62 15.45
N PRO D 40 12.59 -0.70 15.97
CA PRO D 40 13.62 0.24 15.52
C PRO D 40 13.94 0.06 14.04
N GLY D 41 13.71 1.11 13.27
CA GLY D 41 14.09 1.14 11.88
C GLY D 41 13.10 0.57 10.90
N LYS D 42 11.99 0.01 11.36
CA LYS D 42 10.98 -0.57 10.48
C LYS D 42 9.76 0.34 10.41
N ALA D 43 8.73 -0.15 9.73
CA ALA D 43 7.54 0.64 9.46
C ALA D 43 6.53 0.46 10.58
N PRO D 44 6.11 1.53 11.23
CA PRO D 44 5.11 1.42 12.30
C PRO D 44 3.91 0.54 11.98
N LYS D 45 3.24 0.03 13.00
CA LYS D 45 2.16 -0.91 12.86
C LYS D 45 0.90 -0.41 13.56
N LEU D 46 -0.24 -0.93 13.12
CA LEU D 46 -1.54 -0.57 13.68
C LEU D 46 -1.96 -1.58 14.75
N LEU D 47 -2.40 -1.08 15.91
CA LEU D 47 -2.73 -1.92 17.04
C LEU D 47 -4.17 -1.77 17.50
N ILE D 48 -4.60 -0.56 17.81
CA ILE D 48 -5.99 -0.30 18.18
C ILE D 48 -6.49 0.87 17.38
N TYR D 49 -7.65 0.72 16.76
CA TYR D 49 -8.35 1.85 16.17
C TYR D 49 -9.56 2.23 17.02
N ASP D 50 -10.01 3.47 16.91
CA ASP D 50 -11.21 3.96 17.65
C ASP D 50 -10.93 4.02 19.16
N ALA D 51 -9.67 3.82 19.55
CA ALA D 51 -9.19 3.84 20.94
C ALA D 51 -9.78 2.74 21.80
N SER D 52 -10.66 1.92 21.25
CA SER D 52 -11.04 0.73 21.97
C SER D 52 -11.05 -0.54 21.15
N SER D 53 -11.43 -0.49 19.88
CA SER D 53 -11.78 -1.74 19.21
C SER D 53 -10.53 -2.52 18.84
N LEU D 54 -10.75 -3.69 18.26
CA LEU D 54 -9.66 -4.54 17.82
C LEU D 54 -9.78 -4.79 16.33
N GLU D 55 -8.63 -4.97 15.68
CA GLU D 55 -8.53 -5.29 14.27
C GLU D 55 -7.86 -6.64 14.11
N SER D 56 -8.30 -7.40 13.11
CA SER D 56 -7.74 -8.73 12.89
C SER D 56 -6.30 -8.61 12.39
N GLY D 57 -5.39 -9.31 13.06
CA GLY D 57 -3.99 -9.26 12.70
C GLY D 57 -3.09 -8.94 13.87
N VAL D 58 -3.60 -9.09 15.09
CA VAL D 58 -2.88 -8.78 16.33
C VAL D 58 -3.21 -9.82 17.38
N PRO D 59 -2.28 -10.21 18.25
CA PRO D 59 -2.65 -10.99 19.43
C PRO D 59 -3.51 -10.19 20.38
N SER D 60 -4.40 -10.90 21.09
CA SER D 60 -5.41 -10.24 21.90
C SER D 60 -4.84 -9.57 23.14
N ARG D 61 -3.57 -9.82 23.46
CA ARG D 61 -3.00 -9.32 24.70
C ARG D 61 -3.08 -7.81 24.85
N PHE D 62 -3.14 -7.08 23.75
CA PHE D 62 -3.25 -5.64 23.83
C PHE D 62 -4.64 -5.25 24.35
N SER D 63 -4.72 -4.12 25.04
CA SER D 63 -6.00 -3.64 25.52
C SER D 63 -6.03 -2.13 25.47
N GLY D 64 -7.19 -1.56 25.15
CA GLY D 64 -7.33 -0.12 25.08
C GLY D 64 -8.61 0.33 25.71
N SER D 65 -8.54 1.50 26.35
CA SER D 65 -9.70 2.08 27.02
C SER D 65 -9.46 3.57 27.20
N GLY D 66 -10.39 4.22 27.89
CA GLY D 66 -10.35 5.65 28.09
C GLY D 66 -11.18 6.39 27.07
N SER D 67 -11.23 7.70 27.22
CA SER D 67 -11.97 8.55 26.28
C SER D 67 -11.62 10.00 26.57
N GLY D 68 -12.35 10.91 25.91
CA GLY D 68 -12.24 12.32 26.17
C GLY D 68 -10.82 12.82 25.98
N THR D 69 -10.15 13.08 27.09
CA THR D 69 -8.78 13.57 27.07
C THR D 69 -7.75 12.49 27.32
N GLU D 70 -8.08 11.45 28.08
CA GLU D 70 -7.07 10.45 28.47
C GLU D 70 -7.49 9.05 28.04
N PHE D 71 -6.52 8.33 27.47
CA PHE D 71 -6.72 6.99 26.94
C PHE D 71 -5.55 6.11 27.39
N THR D 72 -5.75 4.79 27.32
CA THR D 72 -4.81 3.85 27.87
C THR D 72 -4.70 2.60 27.01
N LEU D 73 -3.47 2.08 26.90
CA LEU D 73 -3.14 0.82 26.23
C LEU D 73 -2.29 -0.02 27.16
N THR D 74 -2.71 -1.26 27.39
CA THR D 74 -2.08 -2.12 28.38
C THR D 74 -1.74 -3.47 27.78
N ILE D 75 -0.65 -4.05 28.26
CA ILE D 75 -0.16 -5.35 27.81
C ILE D 75 0.00 -6.25 29.03
N SER D 76 -0.74 -7.35 29.06
CA SER D 76 -0.76 -8.22 30.23
C SER D 76 0.21 -9.40 30.10
N SER D 77 -0.01 -10.27 29.13
CA SER D 77 0.87 -11.40 28.86
C SER D 77 1.81 -10.97 27.73
N LEU D 78 3.11 -11.09 27.97
CA LEU D 78 4.06 -10.38 27.15
C LEU D 78 5.08 -11.33 26.53
N GLN D 79 5.63 -10.92 25.40
CA GLN D 79 6.51 -11.73 24.58
C GLN D 79 7.77 -10.94 24.29
N PRO D 80 8.83 -11.60 23.80
CA PRO D 80 10.04 -10.84 23.44
C PRO D 80 9.83 -9.77 22.40
N ASP D 81 8.87 -9.92 21.50
CA ASP D 81 8.77 -8.99 20.38
C ASP D 81 8.45 -7.58 20.84
N ASP D 82 7.55 -7.44 21.83
CA ASP D 82 6.94 -6.15 22.10
C ASP D 82 7.92 -5.08 22.51
N PHE D 83 9.19 -5.43 22.64
CA PHE D 83 10.14 -4.43 23.10
C PHE D 83 10.30 -3.42 21.98
N ALA D 84 9.48 -2.36 22.01
CA ALA D 84 9.36 -1.45 20.87
C ALA D 84 8.77 -0.13 21.34
N THR D 85 8.88 0.88 20.48
CA THR D 85 8.33 2.19 20.75
C THR D 85 6.84 2.21 20.54
N TYR D 86 6.14 3.11 21.24
CA TYR D 86 4.68 3.20 21.13
C TYR D 86 4.18 4.63 21.04
N TYR D 87 3.17 4.83 20.17
CA TYR D 87 2.64 6.13 19.79
C TYR D 87 1.11 6.16 19.78
N CYS D 88 0.55 7.30 20.21
CA CYS D 88 -0.86 7.64 20.15
C CYS D 88 -1.10 8.57 18.96
N GLN D 89 -2.29 9.16 18.86
CA GLN D 89 -2.61 10.17 17.84
C GLN D 89 -3.92 10.85 18.23
N GLN D 90 -4.40 11.72 17.35
CA GLN D 90 -5.67 12.46 17.58
C GLN D 90 -6.56 12.40 16.33
N TYR D 91 -7.73 13.05 16.37
CA TYR D 91 -8.60 12.99 15.17
C TYR D 91 -9.33 14.32 14.93
N ASN D 92 -9.74 14.97 16.02
CA ASN D 92 -10.52 16.24 16.01
C ASN D 92 -10.54 16.94 14.64
N SER D 93 -9.37 17.18 14.06
CA SER D 93 -9.25 17.96 12.84
C SER D 93 -7.90 17.66 12.22
N TYR D 94 -7.91 17.30 10.96
CA TYR D 94 -6.66 17.14 10.26
C TYR D 94 -5.96 18.49 10.24
N PRO D 95 -4.68 18.56 10.62
CA PRO D 95 -3.82 17.42 10.95
C PRO D 95 -4.11 16.74 12.27
N GLY D 96 -4.08 15.41 12.25
CA GLY D 96 -4.06 14.64 13.47
C GLY D 96 -2.70 14.00 13.70
N THR D 97 -1.92 14.58 14.62
CA THR D 97 -0.56 14.16 14.89
C THR D 97 -0.54 12.88 15.74
N PHE D 98 0.62 12.56 16.31
CA PHE D 98 0.81 11.31 17.04
C PHE D 98 1.25 11.50 18.48
N GLY D 99 2.34 12.21 18.72
CA GLY D 99 2.84 12.43 20.06
C GLY D 99 4.23 11.87 20.26
N GLN D 100 4.84 12.23 21.40
CA GLN D 100 6.27 11.88 21.70
C GLN D 100 6.61 10.44 21.37
N GLY D 101 5.97 9.48 22.03
CA GLY D 101 6.34 8.07 21.81
C GLY D 101 7.19 7.53 22.94
N THR D 102 6.59 6.76 23.86
CA THR D 102 7.36 6.17 24.97
C THR D 102 7.94 4.82 24.53
N LYS D 103 9.22 4.58 24.83
CA LYS D 103 9.86 3.31 24.51
C LYS D 103 9.34 2.24 25.45
N VAL D 104 9.87 1.03 25.23
CA VAL D 104 9.63 -0.20 26.03
C VAL D 104 10.85 -1.08 25.78
N GLU D 105 11.83 -1.07 26.69
CA GLU D 105 13.06 -1.78 26.37
C GLU D 105 13.19 -2.98 27.30
N ILE D 106 12.10 -3.73 27.40
CA ILE D 106 11.88 -4.66 28.49
C ILE D 106 13.01 -5.65 28.69
N LYS D 107 13.56 -5.59 29.91
CA LYS D 107 14.68 -6.38 30.50
C LYS D 107 15.10 -5.69 31.80
N ARG D 108 15.33 -6.43 32.89
CA ARG D 108 15.67 -5.79 34.17
C ARG D 108 16.68 -6.65 34.92
N THR D 109 17.97 -6.38 34.72
CA THR D 109 19.02 -6.85 35.62
C THR D 109 20.06 -5.75 35.69
N VAL D 110 20.11 -5.03 36.81
CA VAL D 110 20.98 -3.87 36.90
C VAL D 110 22.43 -4.30 36.70
N ALA D 111 23.15 -3.55 35.88
CA ALA D 111 24.50 -3.89 35.50
C ALA D 111 25.44 -2.73 35.81
N ALA D 112 26.64 -3.01 35.80
CA ALA D 112 27.65 -2.00 36.01
C ALA D 112 28.41 -1.74 34.72
N PRO D 113 28.90 -0.53 34.51
CA PRO D 113 29.56 -0.21 33.25
C PRO D 113 30.97 -0.80 33.20
N SER D 114 31.55 -0.73 32.01
CA SER D 114 32.98 -0.92 31.82
C SER D 114 33.47 0.35 31.15
N VAL D 115 34.10 1.23 31.90
CA VAL D 115 34.37 2.58 31.45
C VAL D 115 35.80 2.67 30.95
N PHE D 116 35.98 3.32 29.80
CA PHE D 116 37.30 3.54 29.22
C PHE D 116 37.36 4.95 28.64
N ILE D 117 38.58 5.45 28.47
CA ILE D 117 38.80 6.70 27.78
C ILE D 117 39.88 6.46 26.73
N PHE D 118 39.71 7.07 25.56
CA PHE D 118 40.54 6.78 24.42
C PHE D 118 41.12 8.08 23.89
N PRO D 119 42.43 8.15 23.73
CA PRO D 119 43.09 9.32 23.18
C PRO D 119 42.97 9.33 21.67
N PRO D 120 43.59 10.29 20.99
CA PRO D 120 43.58 10.25 19.53
C PRO D 120 44.73 9.44 18.97
N SER D 121 44.51 8.94 17.76
CA SER D 121 45.59 8.29 17.02
C SER D 121 46.54 9.35 16.47
N ASP D 122 47.68 8.88 15.98
CA ASP D 122 48.68 9.79 15.44
C ASP D 122 48.13 10.57 14.24
N GLU D 123 47.59 9.84 13.26
CA GLU D 123 47.09 10.53 12.08
C GLU D 123 45.84 11.34 12.41
N GLN D 124 45.13 10.90 13.45
CA GLN D 124 43.93 11.63 13.93
C GLN D 124 44.38 13.03 14.34
N LEU D 125 45.47 13.11 15.10
CA LEU D 125 46.03 14.40 15.50
C LEU D 125 46.52 15.17 14.29
N LYS D 126 47.16 14.47 13.35
CA LYS D 126 47.61 15.15 12.14
C LYS D 126 46.43 15.70 11.33
N SER D 127 45.22 15.24 11.67
CA SER D 127 43.97 15.63 10.96
C SER D 127 43.54 17.06 11.30
N GLY D 128 44.40 17.84 11.96
CA GLY D 128 44.06 19.22 12.30
C GLY D 128 42.97 19.32 13.34
N THR D 129 42.13 18.30 13.40
CA THR D 129 41.06 18.18 14.39
C THR D 129 41.22 16.83 15.07
N ALA D 130 41.05 16.81 16.39
CA ALA D 130 41.21 15.60 17.17
C ALA D 130 39.96 15.32 17.97
N SER D 131 39.56 14.05 18.00
CA SER D 131 38.44 13.58 18.80
C SER D 131 38.92 12.52 19.77
N VAL D 132 38.32 12.51 20.95
CA VAL D 132 38.65 11.55 22.00
C VAL D 132 37.37 10.97 22.57
N VAL D 133 37.47 9.78 23.14
CA VAL D 133 36.28 8.96 23.35
C VAL D 133 36.15 8.57 24.82
N CYS D 134 34.93 8.59 25.32
CA CYS D 134 34.58 7.87 26.54
C CYS D 134 33.66 6.74 26.15
N LEU D 135 33.98 5.54 26.62
CA LEU D 135 33.24 4.35 26.29
C LEU D 135 32.66 3.76 27.56
N LEU D 136 31.42 3.32 27.50
CA LEU D 136 30.73 2.74 28.65
C LEU D 136 30.13 1.43 28.21
N ASN D 137 30.91 0.36 28.30
CA ASN D 137 30.46 -0.92 27.79
C ASN D 137 29.46 -1.57 28.72
N ASN D 138 28.42 -2.14 28.11
CA ASN D 138 27.57 -3.16 28.71
C ASN D 138 27.16 -2.85 30.14
N PHE D 139 26.35 -1.82 30.28
CA PHE D 139 25.65 -1.65 31.53
C PHE D 139 24.16 -1.54 31.25
N TYR D 140 23.38 -1.70 32.31
CA TYR D 140 21.95 -1.66 32.26
C TYR D 140 21.43 -0.75 33.37
N PRO D 141 20.37 0.01 33.13
CA PRO D 141 19.65 0.31 31.88
C PRO D 141 20.08 1.65 31.29
N ARG D 142 19.33 2.15 30.30
CA ARG D 142 19.74 3.34 29.57
C ARG D 142 19.86 4.53 30.49
N GLU D 143 19.21 4.46 31.64
CA GLU D 143 19.29 5.52 32.63
C GLU D 143 20.72 5.57 33.17
N ALA D 144 21.46 6.56 32.72
CA ALA D 144 22.85 6.76 33.08
C ALA D 144 23.26 8.11 32.54
N LYS D 145 24.24 8.71 33.20
CA LYS D 145 24.67 10.03 32.78
C LYS D 145 26.19 10.01 32.69
N VAL D 146 26.72 10.74 31.72
CA VAL D 146 28.16 10.90 31.61
C VAL D 146 28.44 12.38 31.48
N GLN D 147 29.60 12.79 31.98
CA GLN D 147 30.07 14.20 31.94
C GLN D 147 31.59 14.16 31.91
N TRP D 148 32.22 14.87 30.97
CA TRP D 148 33.66 14.79 30.89
C TRP D 148 34.28 15.79 31.85
N LYS D 149 35.58 16.01 31.72
CA LYS D 149 36.31 16.85 32.66
C LYS D 149 37.60 17.32 32.01
N VAL D 150 37.76 18.63 31.91
CA VAL D 150 39.04 19.24 31.59
C VAL D 150 39.81 19.21 32.89
N ASP D 151 41.11 19.53 32.82
CA ASP D 151 42.01 19.46 33.97
C ASP D 151 41.34 19.80 35.29
N ASN D 152 40.52 20.86 35.31
CA ASN D 152 39.81 21.26 36.51
C ASN D 152 38.29 21.22 36.40
N ALA D 153 37.73 21.53 35.24
CA ALA D 153 36.29 21.65 35.08
C ALA D 153 35.80 20.61 34.09
N LEU D 154 34.54 20.72 33.69
CA LEU D 154 33.92 19.77 32.79
C LEU D 154 33.74 20.39 31.41
N GLN D 155 33.40 19.54 30.45
CA GLN D 155 33.07 19.94 29.10
C GLN D 155 31.57 19.91 28.84
N SER D 156 31.16 20.75 27.89
CA SER D 156 29.79 20.92 27.43
C SER D 156 29.86 21.86 26.24
N GLY D 157 29.03 21.61 25.25
CA GLY D 157 29.11 22.41 24.04
C GLY D 157 30.24 22.03 23.12
N ASN D 158 30.98 20.96 23.42
CA ASN D 158 31.93 20.39 22.48
C ASN D 158 31.86 18.86 22.48
N SER D 159 30.72 18.31 22.86
CA SER D 159 30.56 16.87 23.02
C SER D 159 29.36 16.40 22.22
N GLN D 160 29.46 15.17 21.72
CA GLN D 160 28.38 14.52 21.01
C GLN D 160 28.31 13.06 21.45
N GLU D 161 27.10 12.54 21.64
CA GLU D 161 26.93 11.29 22.35
C GLU D 161 26.03 10.35 21.56
N SER D 162 26.16 9.05 21.87
CA SER D 162 25.40 8.01 21.20
C SER D 162 25.29 6.81 22.12
N VAL D 163 24.27 5.99 21.89
CA VAL D 163 24.01 4.82 22.72
C VAL D 163 23.48 3.71 21.84
N THR D 164 23.86 2.48 22.14
CA THR D 164 23.35 1.36 21.36
C THR D 164 21.93 1.02 21.77
N GLU D 165 21.44 -0.10 21.27
CA GLU D 165 20.19 -0.71 21.69
C GLU D 165 20.49 -1.84 22.66
N GLN D 166 19.44 -2.41 23.23
CA GLN D 166 19.59 -3.65 23.97
C GLN D 166 20.00 -4.76 23.03
N ASP D 167 21.05 -5.47 23.38
CA ASP D 167 21.46 -6.60 22.57
C ASP D 167 20.47 -7.75 22.75
N SER D 168 20.33 -8.57 21.71
CA SER D 168 19.30 -9.59 21.70
C SER D 168 19.50 -10.62 22.81
N LYS D 169 20.70 -10.73 23.37
CA LYS D 169 20.94 -11.68 24.44
C LYS D 169 21.32 -11.06 25.78
N ASP D 170 22.06 -9.95 25.78
CA ASP D 170 22.57 -9.40 27.03
C ASP D 170 21.75 -8.24 27.56
N SER D 171 21.13 -7.46 26.68
CA SER D 171 20.23 -6.38 27.07
C SER D 171 20.95 -5.31 27.89
N THR D 172 22.24 -5.11 27.65
CA THR D 172 22.99 -4.05 28.29
C THR D 172 23.29 -2.96 27.28
N TYR D 173 23.44 -1.73 27.76
CA TYR D 173 23.46 -0.57 26.90
C TYR D 173 24.84 0.06 26.94
N SER D 174 25.55 0.02 25.83
CA SER D 174 26.91 0.53 25.76
C SER D 174 26.87 1.94 25.18
N LEU D 175 27.36 2.90 25.95
CA LEU D 175 27.33 4.30 25.53
C LEU D 175 28.66 4.71 24.93
N SER D 176 28.59 5.56 23.92
CA SER D 176 29.74 6.24 23.38
C SER D 176 29.54 7.72 23.62
N SER D 177 30.60 8.41 24.00
CA SER D 177 30.57 9.84 23.95
C SER D 177 31.87 10.31 23.34
N THR D 178 31.82 11.43 22.65
CA THR D 178 32.94 11.91 21.87
C THR D 178 33.15 13.39 22.16
N LEU D 179 34.40 13.76 22.38
CA LEU D 179 34.82 15.13 22.53
C LEU D 179 35.62 15.50 21.30
N THR D 180 35.11 16.41 20.49
CA THR D 180 35.69 16.73 19.20
C THR D 180 36.20 18.16 19.21
N LEU D 181 37.50 18.34 19.44
CA LEU D 181 38.07 19.67 19.43
C LEU D 181 39.13 19.74 18.34
N SER D 182 39.68 20.93 18.17
CA SER D 182 40.77 21.07 17.21
C SER D 182 42.10 20.92 17.92
N LYS D 183 43.15 20.73 17.11
CA LYS D 183 44.49 20.63 17.66
C LYS D 183 44.84 21.84 18.52
N ALA D 184 44.38 23.03 18.11
CA ALA D 184 44.69 24.24 18.86
C ALA D 184 44.14 24.16 20.28
N ASP D 185 42.85 23.90 20.41
CA ASP D 185 42.27 23.78 21.75
C ASP D 185 42.72 22.49 22.42
N TYR D 186 42.72 21.39 21.66
CA TYR D 186 43.08 20.09 22.23
C TYR D 186 44.46 20.13 22.89
N GLU D 187 45.42 20.81 22.26
CA GLU D 187 46.79 20.83 22.75
C GLU D 187 46.97 21.71 23.97
N LYS D 188 45.94 22.47 24.35
CA LYS D 188 46.10 23.44 25.43
C LYS D 188 46.34 22.77 26.78
N HIS D 189 46.17 21.45 26.86
CA HIS D 189 45.95 20.83 28.16
C HIS D 189 46.91 19.66 28.39
N LYS D 190 46.67 18.90 29.45
CA LYS D 190 47.39 17.65 29.68
C LYS D 190 46.46 16.46 29.86
N VAL D 191 45.45 16.58 30.73
CA VAL D 191 44.62 15.45 31.14
C VAL D 191 43.18 15.69 30.69
N TYR D 192 42.54 14.63 30.24
CA TYR D 192 41.17 14.64 29.76
C TYR D 192 40.44 13.50 30.45
N ALA D 193 39.24 13.76 30.96
CA ALA D 193 38.58 12.80 31.83
C ALA D 193 37.12 12.62 31.42
N CYS D 194 36.55 11.48 31.79
CA CYS D 194 35.11 11.27 31.68
C CYS D 194 34.61 10.56 32.93
N GLU D 195 33.55 11.10 33.53
CA GLU D 195 33.00 10.62 34.79
C GLU D 195 31.54 10.27 34.60
N VAL D 196 31.14 9.15 35.17
CA VAL D 196 29.85 8.55 34.87
C VAL D 196 29.10 8.29 36.15
N THR D 197 27.77 8.36 36.06
CA THR D 197 26.86 7.95 37.12
C THR D 197 25.84 6.99 36.56
N HIS D 198 25.47 6.02 37.39
CA HIS D 198 24.52 4.98 37.02
C HIS D 198 23.97 4.37 38.31
N GLN D 199 22.86 3.63 38.16
CA GLN D 199 22.31 2.90 39.30
C GLN D 199 23.20 1.75 39.73
N GLY D 200 24.16 1.35 38.90
CA GLY D 200 25.03 0.24 39.22
C GLY D 200 26.31 0.56 39.93
N LEU D 201 26.50 1.80 40.39
CA LEU D 201 27.76 2.22 40.99
C LEU D 201 27.53 2.92 42.32
N SER D 202 28.54 2.82 43.20
CA SER D 202 28.50 3.45 44.52
C SER D 202 28.93 4.91 44.45
N SER D 203 30.07 5.16 43.80
CA SER D 203 30.53 6.51 43.54
C SER D 203 30.74 6.66 42.04
N PRO D 204 30.57 7.87 41.51
CA PRO D 204 30.74 8.08 40.07
C PRO D 204 32.13 7.68 39.62
N VAL D 205 32.19 7.01 38.46
CA VAL D 205 33.41 6.34 38.00
C VAL D 205 34.09 7.22 36.96
N THR D 206 35.38 7.46 37.15
CA THR D 206 36.14 8.37 36.30
C THR D 206 37.24 7.60 35.58
N LYS D 207 37.49 8.00 34.33
CA LYS D 207 38.63 7.52 33.56
C LYS D 207 39.24 8.71 32.84
N SER D 208 40.52 8.95 33.09
CA SER D 208 41.20 10.10 32.51
C SER D 208 42.52 9.63 31.89
N PHE D 209 43.15 10.53 31.15
CA PHE D 209 44.44 10.23 30.58
C PHE D 209 45.21 11.52 30.33
N ASN D 210 46.52 11.38 30.20
CA ASN D 210 47.37 12.52 29.86
C ASN D 210 47.55 12.60 28.35
#